data_8DL3
#
_entry.id   8DL3
#
_cell.length_a   42.726
_cell.length_b   136.759
_cell.length_c   52.606
_cell.angle_alpha   90.000
_cell.angle_beta   90.330
_cell.angle_gamma   90.000
#
_symmetry.space_group_name_H-M   'P 1 21 1'
#
loop_
_entity.id
_entity.type
_entity.pdbx_description
1 polymer 'Queuosine salvage protein'
2 non-polymer 2-amino-5-({[(1S,4S,5R)-4,5-dihydroxycyclopent-2-en-1-yl]amino}methyl)-3,7-dihydro-4H-pyrrolo[2,3-d]pyrimidin-4-one
3 water water
#
_entity_poly.entity_id   1
_entity_poly.type   'polypeptide(L)'
_entity_poly.pdbx_seq_one_letter_code
;GSHMDGLLNPRESSKFIAENSRDVFIDSGGVRRVAELLLAKAAGPELRVEGWKALHELNPRAADEAAVNWVFVTDTLNFS
FWSEQDEHKCVVRYRGKTYSGYWSLCAAVNRALDEGIPITSASYYATVTLDQVRNILRSDTDVSMPLVEERHRILNETGK
ILLEKFGGSFLNCVRESENSAQKLMHLVVESFPSYRDVTLFEGKRVSFYKRAQILVADTWSVLEGKGDGCFKDISSITMF
ADYRLPQVLAHLGALKYSDDLLKKLLKGEMLSYGDRQEVEIRGCSLWCVELIRDCLLELIEQKGEKPNGEINSILLDYYL
WDYAHDHREDMKGIPFHRIRCIYY
;
_entity_poly.pdbx_strand_id   A,B
#
loop_
_chem_comp.id
_chem_comp.type
_chem_comp.name
_chem_comp.formula
QEI non-polymer 2-amino-5-({[(1S,4S,5R)-4,5-dihydroxycyclopent-2-en-1-yl]amino}methyl)-3,7-dihydro-4H-pyrrolo[2,3-d]pyrimidin-4-one 'C12 H15 N5 O3'
#
# COMPACT_ATOMS: atom_id res chain seq x y z
N GLY A 6 2.89 -17.92 4.27
CA GLY A 6 3.28 -16.55 3.80
C GLY A 6 2.87 -16.30 2.35
N LEU A 7 3.82 -16.45 1.42
CA LEU A 7 3.75 -15.79 0.11
C LEU A 7 3.14 -16.69 -0.97
N LEU A 8 2.02 -16.23 -1.54
CA LEU A 8 1.47 -16.77 -2.77
C LEU A 8 2.28 -16.25 -3.95
N ASN A 9 2.53 -17.08 -4.98
CA ASN A 9 3.22 -16.59 -6.18
C ASN A 9 2.20 -15.83 -7.02
N PRO A 10 2.64 -15.00 -8.00
CA PRO A 10 1.72 -14.13 -8.75
C PRO A 10 0.45 -14.80 -9.32
N ARG A 11 0.61 -15.95 -10.00
CA ARG A 11 -0.48 -16.71 -10.60
C ARG A 11 -1.52 -17.15 -9.55
N GLU A 12 -1.05 -17.71 -8.42
CA GLU A 12 -1.89 -18.07 -7.27
C GLU A 12 -2.52 -16.82 -6.65
N SER A 13 -1.69 -15.81 -6.38
CA SER A 13 -2.13 -14.51 -5.88
C SER A 13 -3.35 -14.02 -6.69
N SER A 14 -3.22 -14.07 -8.02
N SER A 14 -3.26 -14.06 -8.02
CA SER A 14 -4.18 -13.50 -8.98
CA SER A 14 -4.22 -13.36 -8.87
C SER A 14 -5.51 -14.25 -8.93
C SER A 14 -5.51 -14.19 -9.06
N LYS A 15 -5.44 -15.58 -8.90
N LYS A 15 -5.41 -15.50 -8.81
CA LYS A 15 -6.60 -16.46 -8.77
CA LYS A 15 -6.60 -16.37 -8.79
C LYS A 15 -7.38 -16.09 -7.51
C LYS A 15 -7.38 -16.08 -7.51
N PHE A 16 -6.65 -15.99 -6.39
CA PHE A 16 -7.20 -15.65 -5.10
C PHE A 16 -7.88 -14.27 -5.17
N ILE A 17 -7.20 -13.29 -5.78
CA ILE A 17 -7.77 -11.96 -5.87
C ILE A 17 -9.03 -12.01 -6.75
N ALA A 18 -8.91 -12.53 -7.98
CA ALA A 18 -10.01 -12.57 -8.92
C ALA A 18 -11.27 -13.18 -8.29
N GLU A 19 -11.08 -14.26 -7.50
CA GLU A 19 -12.18 -14.99 -6.89
C GLU A 19 -12.86 -14.17 -5.78
N ASN A 20 -12.13 -13.26 -5.12
CA ASN A 20 -12.67 -12.53 -3.97
C ASN A 20 -12.80 -11.03 -4.27
N SER A 21 -12.96 -10.69 -5.56
N SER A 21 -12.91 -10.67 -5.56
CA SER A 21 -12.93 -9.31 -6.05
CA SER A 21 -12.90 -9.29 -6.02
C SER A 21 -14.32 -8.66 -5.92
C SER A 21 -14.29 -8.67 -5.90
N ARG A 22 -14.37 -7.50 -5.26
CA ARG A 22 -15.62 -6.76 -5.06
C ARG A 22 -15.89 -5.75 -6.20
N ASP A 23 -14.85 -5.19 -6.84
CA ASP A 23 -15.03 -4.04 -7.77
C ASP A 23 -14.59 -4.33 -9.21
N VAL A 24 -13.99 -5.49 -9.46
CA VAL A 24 -13.44 -5.81 -10.78
C VAL A 24 -13.90 -7.21 -11.16
N PHE A 25 -14.30 -7.39 -12.43
CA PHE A 25 -14.95 -8.61 -12.88
C PHE A 25 -14.34 -9.07 -14.20
N ILE A 26 -14.07 -10.38 -14.28
CA ILE A 26 -13.58 -10.98 -15.48
C ILE A 26 -14.78 -11.51 -16.27
N ASP A 27 -14.94 -11.04 -17.52
CA ASP A 27 -16.10 -11.38 -18.35
C ASP A 27 -15.69 -12.40 -19.41
N SER A 28 -16.19 -13.63 -19.26
N SER A 28 -16.23 -13.61 -19.28
CA SER A 28 -15.81 -14.77 -20.08
CA SER A 28 -15.86 -14.78 -20.07
C SER A 28 -15.98 -14.47 -21.58
C SER A 28 -16.01 -14.51 -21.57
N GLY A 29 -17.00 -13.68 -21.92
CA GLY A 29 -17.28 -13.27 -23.32
C GLY A 29 -16.13 -12.46 -23.91
N GLY A 30 -15.59 -11.55 -23.09
CA GLY A 30 -14.49 -10.68 -23.50
C GLY A 30 -13.17 -11.41 -23.52
N VAL A 31 -13.05 -12.45 -22.67
CA VAL A 31 -11.92 -13.37 -22.68
C VAL A 31 -11.91 -14.11 -24.00
N ARG A 32 -13.09 -14.55 -24.45
CA ARG A 32 -13.24 -15.26 -25.71
C ARG A 32 -12.85 -14.34 -26.87
N ARG A 33 -13.35 -13.11 -26.87
CA ARG A 33 -13.12 -12.14 -27.95
C ARG A 33 -11.60 -11.94 -28.14
N VAL A 34 -10.90 -11.64 -27.04
CA VAL A 34 -9.49 -11.27 -27.10
C VAL A 34 -8.70 -12.48 -27.61
N ALA A 35 -9.07 -13.67 -27.15
CA ALA A 35 -8.44 -14.90 -27.60
C ALA A 35 -8.52 -15.00 -29.13
N GLU A 36 -9.68 -14.66 -29.70
CA GLU A 36 -9.94 -14.81 -31.13
C GLU A 36 -9.26 -13.68 -31.92
N LEU A 37 -9.14 -12.51 -31.30
CA LEU A 37 -8.39 -11.39 -31.89
C LEU A 37 -6.90 -11.79 -31.94
N LEU A 38 -6.42 -12.46 -30.89
CA LEU A 38 -5.05 -12.95 -30.82
C LEU A 38 -4.84 -14.13 -31.79
N LEU A 39 -5.87 -14.95 -32.03
CA LEU A 39 -5.70 -16.14 -32.89
C LEU A 39 -5.34 -15.73 -34.31
N ALA A 40 -6.09 -14.79 -34.89
CA ALA A 40 -5.86 -14.36 -36.27
C ALA A 40 -4.46 -13.76 -36.44
N LYS A 41 -3.78 -13.40 -35.34
CA LYS A 41 -2.45 -12.77 -35.38
C LYS A 41 -1.33 -13.77 -35.04
N ALA A 42 -1.70 -15.01 -34.71
CA ALA A 42 -0.77 -15.96 -34.05
C ALA A 42 0.44 -16.32 -34.93
N ALA A 43 0.33 -16.24 -36.26
CA ALA A 43 1.42 -16.65 -37.19
C ALA A 43 2.39 -15.49 -37.46
N GLY A 44 2.01 -14.28 -37.03
CA GLY A 44 2.75 -13.06 -37.29
C GLY A 44 3.79 -12.77 -36.20
N PRO A 45 4.71 -11.82 -36.46
CA PRO A 45 5.80 -11.52 -35.53
C PRO A 45 5.37 -10.90 -34.19
N GLU A 46 4.08 -10.52 -34.08
CA GLU A 46 3.54 -9.88 -32.90
C GLU A 46 3.38 -10.89 -31.76
N LEU A 47 3.41 -12.20 -32.07
CA LEU A 47 3.27 -13.27 -31.05
C LEU A 47 4.41 -14.28 -31.21
N ARG A 48 5.56 -13.79 -31.65
CA ARG A 48 6.81 -14.55 -31.64
C ARG A 48 7.82 -13.76 -30.80
N VAL A 49 8.83 -14.45 -30.27
CA VAL A 49 9.84 -13.85 -29.42
C VAL A 49 10.63 -12.81 -30.23
N GLU A 50 10.74 -13.04 -31.54
CA GLU A 50 11.53 -12.20 -32.47
C GLU A 50 10.96 -10.79 -32.60
N GLY A 51 9.64 -10.67 -32.36
CA GLY A 51 8.91 -9.40 -32.49
C GLY A 51 9.36 -8.35 -31.50
N TRP A 52 9.93 -8.80 -30.38
CA TRP A 52 10.45 -7.91 -29.35
C TRP A 52 11.54 -7.01 -29.95
N LYS A 53 12.41 -7.59 -30.79
CA LYS A 53 13.45 -6.80 -31.45
C LYS A 53 12.88 -6.20 -32.74
N ALA A 54 12.11 -7.01 -33.48
CA ALA A 54 11.80 -6.78 -34.89
C ALA A 54 10.75 -5.68 -35.06
N LEU A 55 9.92 -5.44 -34.04
CA LEU A 55 8.85 -4.44 -34.05
C LEU A 55 9.18 -3.23 -33.17
N HIS A 56 10.31 -3.24 -32.48
CA HIS A 56 10.69 -2.15 -31.57
C HIS A 56 12.15 -1.74 -31.83
N GLU A 57 12.33 -0.68 -32.61
CA GLU A 57 13.64 -0.29 -33.15
C GLU A 57 14.54 0.24 -32.02
N LEU A 58 13.97 0.62 -30.87
CA LEU A 58 14.78 1.11 -29.73
C LEU A 58 15.39 -0.07 -28.96
N ASN A 59 14.82 -1.28 -29.08
CA ASN A 59 15.33 -2.45 -28.35
C ASN A 59 16.70 -2.82 -28.91
N PRO A 60 17.63 -3.40 -28.11
CA PRO A 60 18.97 -3.72 -28.59
C PRO A 60 18.94 -4.85 -29.64
N ARG A 61 19.77 -4.70 -30.69
CA ARG A 61 19.89 -5.70 -31.75
C ARG A 61 20.63 -6.94 -31.24
N ALA A 62 21.80 -6.71 -30.64
CA ALA A 62 22.73 -7.75 -30.19
C ALA A 62 22.11 -8.62 -29.09
N ALA A 63 22.66 -9.84 -28.93
CA ALA A 63 22.35 -10.74 -27.81
C ALA A 63 23.59 -10.94 -26.93
N ASP A 64 24.17 -9.84 -26.42
CA ASP A 64 25.44 -9.91 -25.72
C ASP A 64 25.26 -9.33 -24.31
N GLU A 65 26.37 -9.22 -23.59
CA GLU A 65 26.38 -8.77 -22.21
C GLU A 65 25.82 -7.35 -22.13
N ALA A 66 26.23 -6.53 -23.12
CA ALA A 66 25.81 -5.14 -23.23
C ALA A 66 24.28 -5.01 -23.27
N ALA A 67 23.65 -5.78 -24.16
CA ALA A 67 22.20 -5.79 -24.36
C ALA A 67 21.46 -6.23 -23.10
N VAL A 68 22.03 -7.24 -22.40
CA VAL A 68 21.47 -7.84 -21.19
C VAL A 68 21.46 -6.79 -20.09
N ASN A 69 22.58 -6.06 -19.97
CA ASN A 69 22.71 -5.00 -18.99
C ASN A 69 21.78 -3.84 -19.38
N TRP A 70 21.53 -3.64 -20.68
CA TRP A 70 20.55 -2.67 -21.20
C TRP A 70 19.12 -3.01 -20.71
N VAL A 71 18.73 -4.26 -20.88
CA VAL A 71 17.44 -4.73 -20.41
C VAL A 71 17.33 -4.55 -18.88
N PHE A 72 18.42 -4.81 -18.16
CA PHE A 72 18.43 -4.67 -16.71
C PHE A 72 18.09 -3.24 -16.30
N VAL A 73 18.81 -2.26 -16.86
CA VAL A 73 18.66 -0.90 -16.43
C VAL A 73 17.25 -0.41 -16.79
N THR A 74 16.68 -0.88 -17.91
CA THR A 74 15.36 -0.39 -18.33
C THR A 74 14.24 -1.03 -17.49
N ASP A 75 14.38 -2.31 -17.14
CA ASP A 75 13.31 -2.94 -16.37
C ASP A 75 13.44 -2.52 -14.89
N THR A 76 14.64 -2.14 -14.46
CA THR A 76 14.88 -1.53 -13.17
C THR A 76 14.14 -0.19 -13.05
N LEU A 77 13.93 0.52 -14.17
CA LEU A 77 13.30 1.83 -14.16
C LEU A 77 11.93 1.79 -14.84
N ASN A 78 11.35 0.59 -15.00
CA ASN A 78 10.16 0.40 -15.82
C ASN A 78 8.91 0.58 -14.94
N PHE A 79 8.62 1.84 -14.61
CA PHE A 79 7.50 2.23 -13.76
C PHE A 79 7.11 3.69 -14.06
N SER A 80 5.80 3.94 -14.12
CA SER A 80 5.17 5.25 -13.88
C SER A 80 5.65 6.30 -14.89
N PHE A 81 5.12 6.20 -16.12
CA PHE A 81 5.47 7.13 -17.18
C PHE A 81 4.29 8.04 -17.55
N TRP A 82 3.09 7.73 -17.06
CA TRP A 82 1.92 8.52 -17.42
C TRP A 82 2.09 9.96 -16.93
N SER A 83 1.51 10.90 -17.67
CA SER A 83 1.41 12.30 -17.25
C SER A 83 -0.05 12.71 -17.04
N GLU A 84 -0.24 13.80 -16.29
CA GLU A 84 -1.55 14.38 -15.91
C GLU A 84 -2.41 14.72 -17.14
N GLN A 85 -1.76 15.19 -18.23
CA GLN A 85 -2.43 15.51 -19.50
C GLN A 85 -1.55 15.02 -20.67
N ASP A 86 -2.19 14.63 -21.78
CA ASP A 86 -1.51 14.09 -22.98
C ASP A 86 -0.91 15.20 -23.85
N GLU A 87 -1.31 16.45 -23.60
CA GLU A 87 -0.85 17.63 -24.36
C GLU A 87 0.49 18.13 -23.78
N HIS A 88 0.89 17.54 -22.65
CA HIS A 88 1.84 18.12 -21.70
C HIS A 88 2.59 16.97 -21.02
N LYS A 89 3.48 16.31 -21.77
CA LYS A 89 4.17 15.08 -21.31
C LYS A 89 5.66 15.13 -21.66
N CYS A 90 6.43 14.22 -21.03
N CYS A 90 6.43 14.22 -21.03
CA CYS A 90 7.83 14.04 -21.32
CA CYS A 90 7.83 14.01 -21.33
C CYS A 90 7.97 13.39 -22.71
C CYS A 90 7.96 13.39 -22.72
N VAL A 91 8.76 14.04 -23.57
CA VAL A 91 9.15 13.51 -24.88
C VAL A 91 10.68 13.59 -24.99
N VAL A 92 11.26 12.56 -25.61
CA VAL A 92 12.67 12.43 -25.86
C VAL A 92 12.86 12.14 -27.35
N ARG A 93 13.78 12.89 -27.97
CA ARG A 93 14.11 12.69 -29.33
C ARG A 93 15.39 11.86 -29.38
N TYR A 94 15.40 10.84 -30.24
CA TYR A 94 16.60 10.02 -30.45
C TYR A 94 16.69 9.64 -31.92
N ARG A 95 17.82 9.97 -32.55
CA ARG A 95 18.03 9.75 -34.00
C ARG A 95 16.85 10.31 -34.82
N GLY A 96 16.32 11.47 -34.41
CA GLY A 96 15.31 12.22 -35.19
C GLY A 96 13.91 11.62 -35.11
N LYS A 97 13.69 10.72 -34.15
CA LYS A 97 12.38 10.22 -33.86
C LYS A 97 12.01 10.61 -32.42
N THR A 98 10.72 10.47 -32.10
CA THR A 98 10.11 11.05 -30.92
C THR A 98 9.32 10.00 -30.13
N TYR A 99 9.64 9.87 -28.84
CA TYR A 99 9.12 8.82 -27.97
C TYR A 99 8.59 9.44 -26.69
N SER A 100 7.42 8.96 -26.25
CA SER A 100 6.89 9.30 -24.96
C SER A 100 6.77 8.02 -24.13
N GLY A 101 6.41 8.19 -22.86
CA GLY A 101 6.14 7.08 -21.96
C GLY A 101 7.38 6.26 -21.72
N TYR A 102 7.21 4.94 -21.57
CA TYR A 102 8.32 4.03 -21.34
C TYR A 102 9.35 4.14 -22.47
N TRP A 103 8.91 4.29 -23.73
CA TRP A 103 9.86 4.36 -24.86
C TRP A 103 10.81 5.56 -24.76
N SER A 104 10.35 6.64 -24.10
CA SER A 104 11.17 7.82 -23.86
C SER A 104 12.31 7.52 -22.89
N LEU A 105 12.13 6.54 -22.00
CA LEU A 105 13.23 6.03 -21.16
C LEU A 105 14.26 5.33 -22.05
N CYS A 106 13.79 4.45 -22.94
CA CYS A 106 14.69 3.67 -23.78
C CYS A 106 15.45 4.62 -24.71
N ALA A 107 14.75 5.60 -25.28
CA ALA A 107 15.39 6.65 -26.07
C ALA A 107 16.46 7.35 -25.23
N ALA A 108 16.11 7.71 -23.99
CA ALA A 108 17.03 8.43 -23.14
C ALA A 108 18.28 7.57 -22.90
N VAL A 109 18.10 6.27 -22.74
CA VAL A 109 19.22 5.37 -22.49
C VAL A 109 20.12 5.33 -23.74
N ASN A 110 19.52 5.10 -24.90
CA ASN A 110 20.28 4.97 -26.15
C ASN A 110 21.01 6.28 -26.46
N ARG A 111 20.33 7.40 -26.20
CA ARG A 111 20.88 8.72 -26.39
C ARG A 111 22.16 8.87 -25.56
N ALA A 112 22.13 8.44 -24.30
CA ALA A 112 23.31 8.53 -23.42
C ALA A 112 24.43 7.61 -23.94
N LEU A 113 24.08 6.37 -24.32
CA LEU A 113 25.07 5.42 -24.82
C LEU A 113 25.79 6.00 -26.04
N ASP A 114 25.01 6.61 -26.95
CA ASP A 114 25.53 7.19 -28.19
C ASP A 114 26.39 8.43 -27.92
N GLU A 115 26.04 9.21 -26.89
CA GLU A 115 26.89 10.30 -26.41
C GLU A 115 28.19 9.75 -25.79
N GLY A 116 28.20 8.46 -25.42
CA GLY A 116 29.39 7.78 -24.87
C GLY A 116 29.34 7.63 -23.35
N ILE A 117 28.25 8.03 -22.70
CA ILE A 117 28.08 7.81 -21.25
C ILE A 117 27.71 6.34 -21.01
N PRO A 118 28.39 5.63 -20.07
CA PRO A 118 28.10 4.21 -19.85
C PRO A 118 26.96 3.98 -18.85
N ILE A 119 25.76 4.42 -19.25
CA ILE A 119 24.59 4.41 -18.39
C ILE A 119 24.11 2.97 -18.09
N THR A 120 24.43 1.98 -18.94
CA THR A 120 24.00 0.58 -18.71
C THR A 120 25.02 -0.18 -17.84
N SER A 121 26.06 0.50 -17.35
CA SER A 121 27.12 -0.11 -16.54
C SER A 121 26.95 0.29 -15.07
N ALA A 122 27.00 -0.69 -14.16
CA ALA A 122 26.76 -0.47 -12.73
C ALA A 122 27.89 0.36 -12.16
N SER A 123 29.11 0.10 -12.67
CA SER A 123 30.31 0.90 -12.33
C SER A 123 29.96 2.38 -12.31
N TYR A 124 29.11 2.80 -13.27
CA TYR A 124 28.62 4.18 -13.44
C TYR A 124 27.35 4.48 -12.61
N TYR A 125 26.27 3.70 -12.76
CA TYR A 125 24.98 4.16 -12.20
C TYR A 125 24.88 3.92 -10.69
N ALA A 126 25.89 3.26 -10.11
CA ALA A 126 25.95 3.01 -8.67
C ALA A 126 26.21 4.31 -7.91
N THR A 127 26.86 5.27 -8.57
CA THR A 127 27.26 6.52 -7.92
C THR A 127 26.74 7.75 -8.69
N VAL A 128 25.97 7.53 -9.76
CA VAL A 128 25.38 8.61 -10.55
C VAL A 128 24.56 9.50 -9.61
N THR A 129 24.66 10.82 -9.83
CA THR A 129 23.98 11.84 -9.02
C THR A 129 22.58 12.10 -9.56
N LEU A 130 21.74 12.72 -8.73
CA LEU A 130 20.41 13.16 -9.12
C LEU A 130 20.50 14.11 -10.32
N ASP A 131 21.50 15.00 -10.29
N ASP A 131 21.49 15.02 -10.31
CA ASP A 131 21.71 16.00 -11.32
CA ASP A 131 21.64 16.01 -11.37
C ASP A 131 22.09 15.35 -12.65
C ASP A 131 22.07 15.34 -12.68
N GLN A 132 22.90 14.28 -12.58
CA GLN A 132 23.33 13.54 -13.73
C GLN A 132 22.07 12.85 -14.31
N VAL A 133 21.29 12.24 -13.42
CA VAL A 133 20.13 11.43 -13.82
C VAL A 133 19.14 12.34 -14.57
N ARG A 134 18.84 13.50 -13.97
CA ARG A 134 18.00 14.52 -14.61
C ARG A 134 18.51 14.83 -16.01
N ASN A 135 19.83 15.03 -16.11
CA ASN A 135 20.52 15.28 -17.37
C ASN A 135 20.22 14.18 -18.40
N ILE A 136 20.43 12.93 -18.02
CA ILE A 136 20.33 11.76 -18.92
C ILE A 136 18.87 11.57 -19.39
N LEU A 137 17.92 11.81 -18.48
CA LEU A 137 16.48 11.63 -18.73
C LEU A 137 15.83 12.94 -19.22
N ARG A 138 16.64 13.91 -19.68
CA ARG A 138 16.12 15.24 -19.98
C ARG A 138 15.02 15.10 -21.06
N SER A 139 13.93 15.84 -20.85
CA SER A 139 12.84 15.92 -21.80
C SER A 139 13.15 16.98 -22.85
N ASP A 140 12.39 16.97 -23.94
CA ASP A 140 12.51 17.95 -24.98
C ASP A 140 11.28 18.87 -24.95
N THR A 141 10.24 18.52 -24.16
CA THR A 141 9.20 19.47 -23.73
C THR A 141 9.65 20.11 -22.40
N ASP A 142 8.76 20.95 -21.85
CA ASP A 142 8.96 21.58 -20.54
CA ASP A 142 8.94 21.57 -20.52
C ASP A 142 8.67 20.55 -19.41
N VAL A 143 8.09 19.40 -19.77
CA VAL A 143 7.68 18.43 -18.76
C VAL A 143 8.71 17.32 -18.61
N SER A 144 9.09 17.08 -17.35
CA SER A 144 9.99 16.02 -16.93
C SER A 144 9.28 14.68 -16.92
N MET A 145 10.08 13.62 -17.04
CA MET A 145 9.68 12.25 -16.70
C MET A 145 9.27 12.22 -15.23
N PRO A 146 8.20 11.50 -14.82
CA PRO A 146 7.83 11.40 -13.42
C PRO A 146 8.85 10.63 -12.57
N LEU A 147 8.90 10.97 -11.28
CA LEU A 147 9.61 10.23 -10.21
C LEU A 147 11.11 10.07 -10.55
N VAL A 148 11.72 11.11 -11.14
CA VAL A 148 13.15 11.11 -11.47
C VAL A 148 14.01 10.88 -10.21
N GLU A 149 13.61 11.45 -9.06
CA GLU A 149 14.33 11.29 -7.77
C GLU A 149 14.37 9.80 -7.38
N GLU A 150 13.23 9.11 -7.56
CA GLU A 150 13.08 7.69 -7.28
C GLU A 150 13.89 6.86 -8.28
N ARG A 151 13.92 7.29 -9.54
CA ARG A 151 14.73 6.62 -10.55
C ARG A 151 16.22 6.71 -10.18
N HIS A 152 16.66 7.84 -9.61
CA HIS A 152 18.08 8.04 -9.19
C HIS A 152 18.44 7.12 -8.00
N ARG A 153 17.56 7.12 -6.99
CA ARG A 153 17.79 6.36 -5.76
C ARG A 153 17.91 4.87 -6.10
N ILE A 154 17.06 4.38 -7.01
CA ILE A 154 16.98 2.97 -7.35
C ILE A 154 18.21 2.55 -8.18
N LEU A 155 18.63 3.43 -9.10
CA LEU A 155 19.89 3.22 -9.80
C LEU A 155 21.02 3.00 -8.79
N ASN A 156 21.16 3.87 -7.78
CA ASN A 156 22.36 3.81 -6.88
C ASN A 156 22.36 2.48 -6.11
N GLU A 157 21.21 2.18 -5.49
CA GLU A 157 20.95 0.94 -4.76
C GLU A 157 21.21 -0.27 -5.67
N THR A 158 20.65 -0.27 -6.90
CA THR A 158 20.80 -1.41 -7.81
C THR A 158 22.26 -1.57 -8.28
N GLY A 159 22.91 -0.48 -8.66
CA GLY A 159 24.29 -0.54 -9.10
C GLY A 159 25.19 -1.16 -8.03
N LYS A 160 25.09 -0.63 -6.81
CA LYS A 160 25.91 -1.11 -5.69
C LYS A 160 25.75 -2.63 -5.53
N ILE A 161 24.51 -3.09 -5.48
CA ILE A 161 24.22 -4.48 -5.23
C ILE A 161 24.79 -5.34 -6.38
N LEU A 162 24.76 -4.84 -7.63
CA LEU A 162 25.28 -5.59 -8.79
C LEU A 162 26.81 -5.67 -8.69
N LEU A 163 27.44 -4.57 -8.27
CA LEU A 163 28.91 -4.48 -8.10
C LEU A 163 29.38 -5.37 -6.94
N GLU A 164 28.57 -5.52 -5.88
CA GLU A 164 29.00 -6.21 -4.63
C GLU A 164 28.76 -7.72 -4.76
N LYS A 165 27.56 -8.10 -5.20
CA LYS A 165 27.13 -9.50 -5.24
C LYS A 165 27.36 -10.17 -6.61
N PHE A 166 27.48 -9.39 -7.69
CA PHE A 166 27.27 -9.98 -9.03
C PHE A 166 28.34 -9.57 -10.05
N GLY A 167 29.52 -9.16 -9.60
CA GLY A 167 30.61 -8.76 -10.52
C GLY A 167 30.24 -7.63 -11.47
N GLY A 168 29.22 -6.84 -11.13
CA GLY A 168 28.88 -5.62 -11.85
C GLY A 168 28.15 -5.89 -13.16
N SER A 169 27.56 -7.07 -13.30
CA SER A 169 26.92 -7.45 -14.54
C SER A 169 25.68 -8.30 -14.25
N PHE A 170 24.57 -7.95 -14.89
CA PHE A 170 23.36 -8.74 -14.75
C PHE A 170 23.52 -10.10 -15.46
N LEU A 171 24.49 -10.24 -16.38
CA LEU A 171 24.69 -11.54 -17.06
C LEU A 171 25.03 -12.63 -16.03
N ASN A 172 25.78 -12.24 -15.00
CA ASN A 172 26.13 -13.12 -13.89
C ASN A 172 24.86 -13.59 -13.18
N CYS A 173 23.93 -12.69 -12.86
CA CYS A 173 22.66 -13.10 -12.25
CA CYS A 173 22.61 -13.05 -12.26
C CYS A 173 21.91 -14.08 -13.16
N VAL A 174 21.89 -13.79 -14.46
CA VAL A 174 21.23 -14.64 -15.43
C VAL A 174 21.83 -16.06 -15.37
N ARG A 175 23.15 -16.16 -15.42
CA ARG A 175 23.83 -17.45 -15.54
C ARG A 175 23.56 -18.33 -14.32
N GLU A 176 23.53 -17.69 -13.15
CA GLU A 176 23.30 -18.34 -11.85
C GLU A 176 21.90 -18.96 -11.76
N SER A 177 20.99 -18.54 -12.66
CA SER A 177 19.60 -19.00 -12.64
C SER A 177 19.45 -20.34 -13.38
N GLU A 178 20.51 -20.78 -14.08
CA GLU A 178 20.59 -22.12 -14.70
C GLU A 178 19.35 -22.38 -15.58
N ASN A 179 19.06 -21.44 -16.49
CA ASN A 179 18.02 -21.60 -17.50
C ASN A 179 16.62 -21.77 -16.87
N SER A 180 16.45 -21.35 -15.61
CA SER A 180 15.15 -21.30 -14.96
C SER A 180 14.70 -19.84 -14.80
N ALA A 181 13.53 -19.56 -15.36
CA ALA A 181 12.91 -18.24 -15.30
C ALA A 181 12.43 -17.93 -13.87
N GLN A 182 11.85 -18.94 -13.21
CA GLN A 182 11.43 -18.82 -11.80
C GLN A 182 12.64 -18.49 -10.91
N LYS A 183 13.75 -19.21 -11.09
CA LYS A 183 14.93 -18.94 -10.27
C LYS A 183 15.46 -17.53 -10.56
N LEU A 184 15.40 -17.09 -11.82
CA LEU A 184 15.89 -15.74 -12.14
C LEU A 184 14.99 -14.70 -11.46
N MET A 185 13.67 -14.89 -11.59
CA MET A 185 12.70 -14.03 -10.92
C MET A 185 12.96 -14.02 -9.41
N HIS A 186 13.23 -15.19 -8.81
CA HIS A 186 13.46 -15.27 -7.35
C HIS A 186 14.75 -14.54 -6.97
N LEU A 187 15.85 -14.86 -7.68
N LEU A 187 15.84 -14.87 -7.68
CA LEU A 187 17.15 -14.23 -7.42
CA LEU A 187 17.14 -14.24 -7.44
C LEU A 187 16.97 -12.71 -7.40
C LEU A 187 16.99 -12.71 -7.41
N VAL A 188 16.31 -12.18 -8.43
CA VAL A 188 16.09 -10.74 -8.60
C VAL A 188 15.30 -10.16 -7.42
N VAL A 189 14.17 -10.80 -7.09
CA VAL A 189 13.32 -10.31 -6.03
C VAL A 189 14.11 -10.30 -4.70
N GLU A 190 14.92 -11.33 -4.46
CA GLU A 190 15.63 -11.48 -3.18
C GLU A 190 16.86 -10.56 -3.10
N SER A 191 17.47 -10.22 -4.24
CA SER A 191 18.76 -9.48 -4.27
C SER A 191 18.57 -7.96 -4.41
N PHE A 192 17.50 -7.51 -5.08
CA PHE A 192 17.32 -6.08 -5.45
C PHE A 192 16.04 -5.52 -4.84
N PRO A 193 16.11 -4.80 -3.70
CA PRO A 193 14.94 -4.36 -2.95
C PRO A 193 13.75 -3.76 -3.73
N SER A 194 14.04 -2.87 -4.68
CA SER A 194 13.04 -2.10 -5.49
C SER A 194 12.14 -3.02 -6.33
N TYR A 195 12.52 -4.29 -6.50
CA TYR A 195 11.73 -5.23 -7.25
C TYR A 195 10.72 -5.98 -6.37
N ARG A 196 10.61 -5.66 -5.07
CA ARG A 196 9.78 -6.46 -4.13
C ARG A 196 8.31 -6.07 -4.24
N ASP A 197 7.70 -6.41 -5.38
CA ASP A 197 6.35 -5.96 -5.71
C ASP A 197 5.36 -6.91 -5.02
N VAL A 198 5.13 -6.64 -3.72
CA VAL A 198 4.37 -7.50 -2.81
C VAL A 198 3.48 -6.62 -1.93
N THR A 199 2.29 -7.13 -1.60
CA THR A 199 1.32 -6.38 -0.83
C THR A 199 0.40 -7.36 -0.08
N LEU A 200 -0.75 -6.86 0.39
CA LEU A 200 -1.74 -7.65 1.13
C LEU A 200 -3.08 -7.71 0.38
N PHE A 201 -3.80 -8.82 0.63
CA PHE A 201 -5.18 -9.01 0.20
C PHE A 201 -5.85 -10.07 1.10
N GLU A 202 -7.02 -9.70 1.65
CA GLU A 202 -7.79 -10.51 2.56
C GLU A 202 -6.89 -11.18 3.63
N GLY A 203 -5.83 -10.46 4.05
CA GLY A 203 -4.95 -10.89 5.15
C GLY A 203 -3.89 -11.90 4.74
N LYS A 204 -3.68 -12.08 3.43
CA LYS A 204 -2.64 -12.96 2.89
C LYS A 204 -1.64 -12.10 2.09
N ARG A 205 -0.37 -12.52 2.09
CA ARG A 205 0.64 -11.86 1.30
C ARG A 205 0.53 -12.37 -0.14
N VAL A 206 0.34 -11.42 -1.07
CA VAL A 206 0.22 -11.69 -2.46
C VAL A 206 1.44 -11.04 -3.14
N SER A 207 1.70 -11.46 -4.38
CA SER A 207 2.84 -11.00 -5.12
C SER A 207 2.44 -10.71 -6.57
N PHE A 208 3.03 -9.68 -7.18
CA PHE A 208 2.82 -9.38 -8.61
C PHE A 208 4.13 -9.45 -9.41
N TYR A 209 5.19 -8.83 -8.86
CA TYR A 209 6.51 -8.90 -9.47
C TYR A 209 6.41 -8.45 -10.93
N LYS A 210 5.81 -7.28 -11.17
CA LYS A 210 5.68 -6.76 -12.53
C LYS A 210 7.09 -6.60 -13.13
N ARG A 211 7.92 -5.79 -12.48
CA ARG A 211 9.23 -5.44 -13.01
C ARG A 211 10.13 -6.68 -13.05
N ALA A 212 10.11 -7.51 -12.00
CA ALA A 212 10.96 -8.73 -11.92
C ALA A 212 10.61 -9.69 -13.07
N GLN A 213 9.31 -9.87 -13.33
CA GLN A 213 8.81 -10.78 -14.37
C GLN A 213 9.12 -10.21 -15.76
N ILE A 214 8.84 -8.90 -15.99
CA ILE A 214 9.11 -8.35 -17.30
C ILE A 214 10.63 -8.40 -17.53
N LEU A 215 11.42 -8.25 -16.46
CA LEU A 215 12.89 -8.32 -16.59
C LEU A 215 13.30 -9.72 -17.10
N VAL A 216 12.66 -10.77 -16.58
CA VAL A 216 12.96 -12.11 -17.02
C VAL A 216 12.49 -12.27 -18.47
N ALA A 217 11.30 -11.76 -18.78
CA ALA A 217 10.74 -11.89 -20.13
C ALA A 217 11.69 -11.20 -21.11
N ASP A 218 12.22 -10.05 -20.70
CA ASP A 218 13.01 -9.19 -21.56
C ASP A 218 14.42 -9.76 -21.75
N THR A 219 14.90 -10.50 -20.74
CA THR A 219 16.16 -11.23 -20.82
C THR A 219 15.99 -12.36 -21.86
N TRP A 220 14.86 -13.05 -21.73
CA TRP A 220 14.46 -14.08 -22.64
C TRP A 220 14.38 -13.53 -24.08
N SER A 221 13.75 -12.36 -24.23
CA SER A 221 13.54 -11.75 -25.54
C SER A 221 14.87 -11.28 -26.15
N VAL A 222 15.69 -10.59 -25.35
CA VAL A 222 16.88 -9.95 -25.91
C VAL A 222 17.93 -11.02 -26.28
N LEU A 223 17.88 -12.20 -25.66
CA LEU A 223 18.76 -13.31 -26.01
C LEU A 223 18.05 -14.30 -26.95
N GLU A 224 16.82 -13.98 -27.35
CA GLU A 224 16.09 -14.68 -28.41
C GLU A 224 15.75 -16.10 -27.97
N GLY A 225 15.60 -16.30 -26.65
CA GLY A 225 15.18 -17.59 -26.06
C GLY A 225 16.27 -18.65 -26.11
N LYS A 226 17.50 -18.21 -26.42
CA LYS A 226 18.68 -19.04 -26.63
C LYS A 226 19.77 -18.69 -25.63
N GLY A 227 20.64 -19.68 -25.37
CA GLY A 227 21.84 -19.49 -24.58
C GLY A 227 21.50 -19.32 -23.12
N ASP A 228 22.07 -18.27 -22.51
CA ASP A 228 21.84 -17.88 -21.12
C ASP A 228 20.38 -17.44 -20.96
N GLY A 229 19.73 -17.13 -22.09
CA GLY A 229 18.34 -16.74 -22.13
C GLY A 229 17.42 -17.83 -22.64
N CYS A 230 17.94 -19.06 -22.75
CA CYS A 230 17.08 -20.25 -22.86
C CYS A 230 16.49 -20.48 -21.47
N PHE A 231 15.16 -20.46 -21.37
CA PHE A 231 14.48 -20.79 -20.11
C PHE A 231 13.49 -21.94 -20.38
N LYS A 232 13.81 -23.13 -19.86
CA LYS A 232 12.96 -24.33 -19.98
C LYS A 232 11.53 -24.04 -19.50
N ASP A 233 11.38 -23.14 -18.52
CA ASP A 233 10.12 -22.89 -17.79
C ASP A 233 9.60 -21.47 -18.06
N ILE A 234 9.79 -20.97 -19.28
CA ILE A 234 9.44 -19.59 -19.62
C ILE A 234 7.91 -19.40 -19.57
N SER A 235 7.15 -20.47 -19.79
CA SER A 235 5.70 -20.36 -19.81
C SER A 235 5.14 -20.14 -18.39
N SER A 236 5.96 -20.26 -17.34
CA SER A 236 5.54 -20.05 -15.94
C SER A 236 5.43 -18.55 -15.58
N ILE A 237 6.05 -17.70 -16.38
CA ILE A 237 5.97 -16.24 -16.20
C ILE A 237 4.58 -15.76 -16.62
N THR A 238 4.02 -14.85 -15.80
CA THR A 238 2.69 -14.30 -16.01
C THR A 238 2.80 -12.97 -16.77
N MET A 239 1.65 -12.35 -17.05
CA MET A 239 1.64 -10.98 -17.56
C MET A 239 2.24 -10.08 -16.49
N PHE A 240 2.59 -8.86 -16.91
CA PHE A 240 3.27 -7.90 -16.04
C PHE A 240 2.22 -6.86 -15.64
N ALA A 241 1.76 -6.97 -14.39
CA ALA A 241 0.56 -6.28 -13.96
C ALA A 241 0.85 -4.78 -13.76
N ASP A 242 0.52 -3.98 -14.78
CA ASP A 242 0.83 -2.53 -14.79
C ASP A 242 -0.49 -1.74 -14.87
N TYR A 243 -0.46 -0.51 -15.42
CA TYR A 243 -1.69 0.31 -15.54
C TYR A 243 -2.24 0.29 -16.99
N ARG A 244 -1.44 -0.13 -17.99
CA ARG A 244 -1.90 -0.11 -19.39
C ARG A 244 -2.65 -1.40 -19.77
N LEU A 245 -2.20 -2.55 -19.26
CA LEU A 245 -2.80 -3.83 -19.64
C LEU A 245 -4.23 -3.92 -19.13
N PRO A 246 -4.52 -3.54 -17.87
CA PRO A 246 -5.92 -3.40 -17.43
C PRO A 246 -6.77 -2.47 -18.32
N GLN A 247 -6.21 -1.34 -18.75
CA GLN A 247 -6.95 -0.40 -19.59
C GLN A 247 -7.39 -1.09 -20.89
N VAL A 248 -6.47 -1.81 -21.54
N VAL A 248 -6.44 -1.73 -21.57
CA VAL A 248 -6.74 -2.40 -22.85
CA VAL A 248 -6.69 -2.45 -22.82
C VAL A 248 -7.57 -3.68 -22.74
C VAL A 248 -7.78 -3.50 -22.60
N LEU A 249 -7.59 -4.33 -21.57
CA LEU A 249 -8.48 -5.47 -21.32
C LEU A 249 -9.90 -4.96 -21.02
N ALA A 250 -10.01 -3.86 -20.27
CA ALA A 250 -11.29 -3.19 -20.05
C ALA A 250 -11.85 -2.65 -21.36
N HIS A 251 -10.99 -2.11 -22.24
CA HIS A 251 -11.44 -1.63 -23.56
C HIS A 251 -12.03 -2.80 -24.37
N LEU A 252 -11.35 -3.96 -24.38
CA LEU A 252 -11.75 -5.06 -25.27
C LEU A 252 -12.92 -5.88 -24.70
N GLY A 253 -13.35 -5.60 -23.46
CA GLY A 253 -14.52 -6.22 -22.87
C GLY A 253 -14.18 -7.39 -21.94
N ALA A 254 -12.90 -7.71 -21.77
CA ALA A 254 -12.50 -8.82 -20.90
C ALA A 254 -12.66 -8.45 -19.41
N LEU A 255 -12.42 -7.18 -19.06
CA LEU A 255 -12.49 -6.71 -17.66
C LEU A 255 -13.67 -5.76 -17.50
N LYS A 256 -14.39 -5.89 -16.38
CA LYS A 256 -15.45 -4.97 -16.02
C LYS A 256 -15.20 -4.38 -14.63
N TYR A 257 -15.37 -3.06 -14.53
CA TYR A 257 -15.26 -2.29 -13.30
C TYR A 257 -16.64 -1.90 -12.77
N SER A 258 -16.79 -1.93 -11.43
CA SER A 258 -17.93 -1.40 -10.67
C SER A 258 -18.12 0.09 -10.93
N ASP A 259 -19.30 0.60 -10.58
CA ASP A 259 -19.66 2.01 -10.63
C ASP A 259 -18.62 2.85 -9.86
N ASP A 260 -18.29 2.43 -8.63
CA ASP A 260 -17.46 3.24 -7.74
C ASP A 260 -16.03 3.32 -8.27
N LEU A 261 -15.56 2.23 -8.87
CA LEU A 261 -14.22 2.17 -9.36
C LEU A 261 -14.13 3.06 -10.59
N LEU A 262 -15.13 2.95 -11.49
CA LEU A 262 -15.15 3.70 -12.75
C LEU A 262 -15.19 5.19 -12.43
N LYS A 263 -15.88 5.49 -11.33
CA LYS A 263 -15.97 6.84 -10.80
C LYS A 263 -14.56 7.40 -10.59
N LYS A 264 -13.72 6.65 -9.88
CA LYS A 264 -12.36 7.11 -9.60
C LYS A 264 -11.63 7.34 -10.92
N LEU A 265 -11.71 6.35 -11.82
CA LEU A 265 -10.95 6.34 -13.08
C LEU A 265 -11.29 7.54 -13.95
N LEU A 266 -12.58 7.89 -14.05
CA LEU A 266 -13.06 8.98 -14.90
C LEU A 266 -12.66 10.36 -14.36
N LYS A 267 -12.44 10.46 -13.03
CA LYS A 267 -12.11 11.73 -12.39
C LYS A 267 -10.60 11.90 -12.24
N GLY A 268 -9.84 10.84 -12.51
CA GLY A 268 -8.40 10.85 -12.35
C GLY A 268 -7.96 10.87 -10.90
N GLU A 269 -8.74 10.23 -10.01
N GLU A 269 -8.78 10.28 -10.02
CA GLU A 269 -8.40 10.11 -8.59
CA GLU A 269 -8.44 10.10 -8.60
C GLU A 269 -7.30 9.06 -8.42
C GLU A 269 -7.26 9.15 -8.49
N MET A 270 -6.25 9.43 -7.69
N MET A 270 -6.31 9.49 -7.63
CA MET A 270 -5.04 8.65 -7.56
CA MET A 270 -5.14 8.68 -7.38
C MET A 270 -5.29 7.45 -6.63
C MET A 270 -5.58 7.36 -6.72
N LEU A 271 -4.96 6.25 -7.11
CA LEU A 271 -4.97 5.04 -6.29
C LEU A 271 -3.63 4.96 -5.55
N SER A 272 -3.63 4.28 -4.40
CA SER A 272 -2.41 3.97 -3.64
C SER A 272 -2.05 2.50 -3.86
N TYR A 273 -0.74 2.22 -3.88
CA TYR A 273 -0.22 0.89 -3.91
C TYR A 273 -0.76 0.12 -2.70
N GLY A 274 -1.56 -0.91 -2.95
CA GLY A 274 -2.06 -1.81 -1.92
C GLY A 274 -3.50 -1.55 -1.55
N ASP A 275 -4.05 -0.43 -2.02
CA ASP A 275 -5.49 -0.25 -2.01
C ASP A 275 -6.10 -1.49 -2.66
N ARG A 276 -7.23 -1.90 -2.10
CA ARG A 276 -7.95 -3.11 -2.47
C ARG A 276 -8.29 -3.05 -3.96
N GLN A 277 -8.89 -1.94 -4.37
CA GLN A 277 -9.34 -1.78 -5.73
C GLN A 277 -8.13 -1.85 -6.66
N GLU A 278 -7.03 -1.21 -6.25
CA GLU A 278 -5.79 -1.28 -7.00
C GLU A 278 -5.36 -2.75 -7.12
N VAL A 279 -5.28 -3.43 -5.98
CA VAL A 279 -4.87 -4.84 -5.91
C VAL A 279 -5.78 -5.68 -6.81
N GLU A 280 -7.10 -5.43 -6.74
CA GLU A 280 -8.11 -6.19 -7.49
C GLU A 280 -7.92 -6.02 -9.01
N ILE A 281 -7.63 -4.80 -9.46
CA ILE A 281 -7.39 -4.52 -10.89
C ILE A 281 -6.22 -5.38 -11.39
N ARG A 282 -5.11 -5.35 -10.64
CA ARG A 282 -3.87 -6.02 -11.01
C ARG A 282 -4.08 -7.54 -11.03
N GLY A 283 -4.58 -8.08 -9.91
CA GLY A 283 -4.87 -9.48 -9.78
C GLY A 283 -5.82 -9.99 -10.86
N CYS A 284 -6.89 -9.24 -11.13
CA CYS A 284 -7.87 -9.65 -12.12
C CYS A 284 -7.27 -9.62 -13.53
N SER A 285 -6.49 -8.58 -13.82
N SER A 285 -6.48 -8.58 -13.83
CA SER A 285 -5.79 -8.48 -15.09
CA SER A 285 -5.81 -8.51 -15.13
C SER A 285 -4.88 -9.70 -15.28
C SER A 285 -4.88 -9.71 -15.30
N LEU A 286 -4.09 -10.02 -14.26
CA LEU A 286 -3.12 -11.12 -14.33
C LEU A 286 -3.85 -12.44 -14.62
N TRP A 287 -4.96 -12.67 -13.93
CA TRP A 287 -5.70 -13.92 -14.07
C TRP A 287 -6.42 -13.92 -15.43
N CYS A 288 -6.89 -12.74 -15.84
CA CYS A 288 -7.62 -12.55 -17.08
C CYS A 288 -6.79 -13.07 -18.24
N VAL A 289 -5.53 -12.65 -18.29
CA VAL A 289 -4.59 -13.06 -19.33
C VAL A 289 -4.35 -14.58 -19.29
N GLU A 290 -4.16 -15.15 -18.10
CA GLU A 290 -4.03 -16.61 -17.98
C GLU A 290 -5.23 -17.29 -18.67
N LEU A 291 -6.43 -16.71 -18.51
CA LEU A 291 -7.64 -17.29 -19.11
C LEU A 291 -7.67 -17.09 -20.63
N ILE A 292 -7.18 -15.95 -21.10
CA ILE A 292 -7.17 -15.70 -22.54
C ILE A 292 -6.21 -16.70 -23.18
N ARG A 293 -5.09 -16.98 -22.49
CA ARG A 293 -4.09 -17.90 -23.02
C ARG A 293 -4.68 -19.31 -23.12
N ASP A 294 -5.44 -19.74 -22.12
CA ASP A 294 -6.02 -21.07 -22.15
C ASP A 294 -7.04 -21.16 -23.29
N CYS A 295 -7.84 -20.10 -23.48
CA CYS A 295 -8.85 -20.02 -24.56
C CYS A 295 -8.17 -20.18 -25.93
N LEU A 296 -7.13 -19.35 -26.16
CA LEU A 296 -6.41 -19.29 -27.42
C LEU A 296 -5.81 -20.65 -27.79
N LEU A 297 -5.10 -21.25 -26.82
CA LEU A 297 -4.52 -22.60 -27.00
C LEU A 297 -5.61 -23.58 -27.43
N GLU A 298 -6.78 -23.51 -26.79
CA GLU A 298 -7.90 -24.40 -27.09
C GLU A 298 -8.42 -24.13 -28.51
N LEU A 299 -8.55 -22.85 -28.88
CA LEU A 299 -9.04 -22.46 -30.23
C LEU A 299 -8.09 -22.97 -31.31
N ILE A 300 -6.78 -22.88 -31.01
CA ILE A 300 -5.69 -23.33 -31.87
C ILE A 300 -5.73 -24.85 -32.00
N GLU A 301 -6.18 -25.52 -30.93
CA GLU A 301 -6.34 -26.97 -30.89
C GLU A 301 -7.56 -27.36 -31.74
N GLN A 302 -8.66 -26.60 -31.59
CA GLN A 302 -9.98 -26.86 -32.22
C GLN A 302 -9.95 -26.57 -33.73
N LYS A 303 -8.88 -25.94 -34.21
CA LYS A 303 -8.67 -25.77 -35.64
C LYS A 303 -7.53 -26.70 -36.08
N GLY A 304 -7.43 -27.85 -35.39
CA GLY A 304 -6.39 -28.87 -35.60
C GLY A 304 -5.10 -28.26 -36.13
N GLU A 305 -4.41 -27.50 -35.27
CA GLU A 305 -3.22 -26.75 -35.68
C GLU A 305 -1.99 -27.21 -34.88
N LYS A 306 -0.82 -26.89 -35.44
CA LYS A 306 0.48 -26.96 -34.78
C LYS A 306 1.13 -25.58 -34.88
N PRO A 307 1.09 -24.74 -33.81
CA PRO A 307 1.77 -23.45 -33.82
C PRO A 307 3.28 -23.59 -34.05
N ASN A 308 3.87 -22.57 -34.69
CA ASN A 308 5.29 -22.54 -35.06
C ASN A 308 6.15 -22.04 -33.88
N GLY A 309 5.49 -21.59 -32.80
CA GLY A 309 6.14 -21.19 -31.54
C GLY A 309 5.20 -21.38 -30.36
N GLU A 310 5.81 -21.59 -29.18
CA GLU A 310 5.08 -21.76 -27.92
C GLU A 310 4.47 -20.42 -27.53
N ILE A 311 3.15 -20.30 -27.66
CA ILE A 311 2.42 -19.14 -27.16
C ILE A 311 2.43 -19.19 -25.64
N ASN A 312 2.70 -18.06 -24.99
CA ASN A 312 2.68 -17.99 -23.55
C ASN A 312 2.16 -16.62 -23.13
N SER A 313 1.98 -16.45 -21.83
CA SER A 313 1.42 -15.25 -21.24
C SER A 313 2.33 -14.03 -21.43
N ILE A 314 3.64 -14.23 -21.56
CA ILE A 314 4.58 -13.14 -21.88
C ILE A 314 4.18 -12.48 -23.21
N LEU A 315 4.07 -13.31 -24.25
CA LEU A 315 3.88 -12.83 -25.62
C LEU A 315 2.52 -12.13 -25.76
N LEU A 316 1.49 -12.60 -25.06
CA LEU A 316 0.16 -12.00 -25.16
C LEU A 316 0.23 -10.59 -24.56
N ASP A 317 0.85 -10.51 -23.39
CA ASP A 317 1.08 -9.27 -22.68
C ASP A 317 1.78 -8.28 -23.62
N TYR A 318 2.95 -8.65 -24.14
CA TYR A 318 3.70 -7.78 -25.07
C TYR A 318 2.75 -7.26 -26.15
N TYR A 319 1.94 -8.17 -26.73
CA TYR A 319 1.04 -7.80 -27.84
C TYR A 319 0.06 -6.74 -27.36
N LEU A 320 -0.60 -7.04 -26.24
CA LEU A 320 -1.71 -6.25 -25.74
C LEU A 320 -1.22 -4.88 -25.28
N TRP A 321 0.02 -4.82 -24.81
CA TRP A 321 0.65 -3.58 -24.39
C TRP A 321 0.81 -2.64 -25.59
N ASP A 322 1.28 -3.20 -26.71
CA ASP A 322 1.55 -2.46 -27.94
C ASP A 322 0.22 -1.96 -28.51
N TYR A 323 -0.76 -2.86 -28.53
CA TYR A 323 -2.13 -2.54 -28.87
C TYR A 323 -2.59 -1.30 -28.06
N ALA A 324 -2.33 -1.33 -26.76
CA ALA A 324 -2.63 -0.20 -25.86
C ALA A 324 -2.07 1.11 -26.43
N HIS A 325 -0.78 1.03 -26.80
CA HIS A 325 0.04 2.12 -27.28
C HIS A 325 -0.52 2.63 -28.62
N ASP A 326 -0.78 1.72 -29.57
CA ASP A 326 -1.25 2.04 -30.92
C ASP A 326 -2.72 2.47 -30.98
N HIS A 327 -3.52 2.16 -29.94
CA HIS A 327 -4.95 2.43 -30.02
C HIS A 327 -5.39 3.32 -28.85
N ARG A 328 -4.48 4.18 -28.36
CA ARG A 328 -4.74 4.99 -27.18
C ARG A 328 -6.03 5.80 -27.34
N GLU A 329 -6.17 6.49 -28.48
CA GLU A 329 -7.29 7.41 -28.78
C GLU A 329 -8.66 6.71 -28.68
N ASP A 330 -8.67 5.41 -29.02
N ASP A 330 -8.70 5.42 -29.08
CA ASP A 330 -9.87 4.60 -29.08
CA ASP A 330 -9.93 4.61 -29.06
C ASP A 330 -10.30 4.17 -27.66
C ASP A 330 -10.37 4.32 -27.62
N MET A 331 -9.42 4.35 -26.67
CA MET A 331 -9.62 3.84 -25.30
C MET A 331 -10.00 4.96 -24.32
N LYS A 332 -9.97 6.22 -24.77
CA LYS A 332 -10.32 7.43 -23.99
C LYS A 332 -11.42 7.15 -22.96
N GLY A 333 -12.49 6.50 -23.43
CA GLY A 333 -13.74 6.26 -22.70
C GLY A 333 -13.53 5.58 -21.37
N ILE A 334 -12.63 4.58 -21.30
CA ILE A 334 -12.25 3.91 -20.03
C ILE A 334 -10.80 4.30 -19.72
N PRO A 335 -10.52 5.22 -18.76
CA PRO A 335 -9.14 5.60 -18.45
C PRO A 335 -8.35 4.49 -17.73
N PHE A 336 -7.03 4.63 -17.73
CA PHE A 336 -6.17 3.80 -16.91
C PHE A 336 -6.26 4.36 -15.50
N HIS A 337 -6.09 3.49 -14.50
CA HIS A 337 -5.98 3.90 -13.11
C HIS A 337 -4.63 4.56 -12.87
N ARG A 338 -4.64 5.53 -11.97
CA ARG A 338 -3.51 6.39 -11.73
C ARG A 338 -2.92 6.01 -10.38
N ILE A 339 -1.59 5.94 -10.33
CA ILE A 339 -0.82 5.64 -9.15
C ILE A 339 0.59 6.13 -9.42
N ARG A 340 1.28 6.58 -8.36
CA ARG A 340 2.70 6.87 -8.40
C ARG A 340 3.40 5.89 -7.47
N CYS A 341 4.02 4.85 -8.05
CA CYS A 341 4.87 3.96 -7.27
C CYS A 341 6.04 3.48 -8.11
N ILE A 342 6.96 2.79 -7.45
CA ILE A 342 8.22 2.38 -8.05
C ILE A 342 8.06 0.99 -8.71
N TYR A 343 6.93 0.33 -8.48
CA TYR A 343 6.74 -1.08 -8.82
C TYR A 343 6.17 -1.23 -10.23
N TYR A 344 5.34 -0.26 -10.65
CA TYR A 344 4.88 -0.17 -12.04
C TYR A 344 4.44 1.27 -12.33
N GLY B 1 -26.80 5.65 -6.88
CA GLY B 1 -25.47 6.07 -7.41
C GLY B 1 -25.43 7.57 -7.68
N SER B 2 -24.22 8.09 -7.86
CA SER B 2 -23.99 9.51 -8.05
C SER B 2 -22.62 9.67 -8.71
N HIS B 3 -22.49 10.62 -9.65
CA HIS B 3 -21.19 11.02 -10.16
C HIS B 3 -20.33 11.50 -8.99
N MET B 4 -20.99 12.09 -7.99
CA MET B 4 -20.34 12.55 -6.76
C MET B 4 -19.88 11.32 -5.95
N ASP B 5 -18.67 11.43 -5.38
CA ASP B 5 -18.23 10.51 -4.32
C ASP B 5 -19.13 10.77 -3.12
N GLY B 6 -19.46 9.74 -2.36
CA GLY B 6 -20.47 9.88 -1.31
C GLY B 6 -19.86 9.93 0.07
N LEU B 7 -18.82 10.74 0.27
CA LEU B 7 -17.93 10.61 1.46
C LEU B 7 -18.55 11.23 2.71
N LEU B 8 -18.72 10.39 3.74
CA LEU B 8 -19.16 10.81 5.06
C LEU B 8 -17.93 10.85 5.98
N ASN B 9 -17.96 11.73 6.99
CA ASN B 9 -16.88 11.85 7.98
C ASN B 9 -17.05 10.74 9.02
N PRO B 10 -16.09 10.53 9.95
CA PRO B 10 -16.20 9.48 10.95
C PRO B 10 -17.52 9.41 11.73
N ARG B 11 -17.90 10.52 12.40
CA ARG B 11 -19.11 10.58 13.21
C ARG B 11 -20.36 10.19 12.39
N GLU B 12 -20.52 10.82 11.21
CA GLU B 12 -21.63 10.56 10.25
C GLU B 12 -21.61 9.11 9.74
N SER B 13 -20.42 8.65 9.36
CA SER B 13 -20.22 7.29 8.91
C SER B 13 -20.80 6.31 9.96
N SER B 14 -20.38 6.48 11.23
CA SER B 14 -20.61 5.49 12.30
C SER B 14 -22.10 5.40 12.67
N LYS B 15 -22.79 6.55 12.58
CA LYS B 15 -24.24 6.65 12.83
CA LYS B 15 -24.24 6.66 12.82
C LYS B 15 -24.98 5.91 11.71
N PHE B 16 -24.58 6.17 10.46
CA PHE B 16 -25.14 5.49 9.30
C PHE B 16 -24.90 3.99 9.45
N ILE B 17 -23.69 3.60 9.89
CA ILE B 17 -23.38 2.17 10.08
C ILE B 17 -24.26 1.59 11.20
N ALA B 18 -24.33 2.23 12.37
CA ALA B 18 -25.04 1.64 13.51
C ALA B 18 -26.55 1.54 13.24
N GLU B 19 -27.06 2.27 12.24
CA GLU B 19 -28.48 2.19 11.86
C GLU B 19 -28.73 1.07 10.84
N ASN B 20 -27.68 0.50 10.25
CA ASN B 20 -27.87 -0.52 9.22
C ASN B 20 -27.05 -1.77 9.57
N SER B 21 -26.91 -2.02 10.88
CA SER B 21 -26.08 -3.07 11.43
CA SER B 21 -26.07 -3.08 11.39
C SER B 21 -26.93 -4.32 11.64
N ARG B 22 -26.52 -5.44 11.02
CA ARG B 22 -27.21 -6.73 11.12
C ARG B 22 -26.64 -7.53 12.30
N ASP B 23 -25.34 -7.37 12.58
CA ASP B 23 -24.61 -8.31 13.43
C ASP B 23 -23.99 -7.67 14.67
N VAL B 24 -24.15 -6.37 14.87
CA VAL B 24 -23.52 -5.69 16.02
C VAL B 24 -24.52 -4.71 16.60
N PHE B 25 -24.68 -4.68 17.93
CA PHE B 25 -25.73 -3.88 18.56
C PHE B 25 -25.16 -3.07 19.71
N ILE B 26 -25.64 -1.84 19.84
CA ILE B 26 -25.26 -0.94 20.92
C ILE B 26 -26.33 -1.03 22.01
N ASP B 27 -25.92 -1.45 23.21
CA ASP B 27 -26.86 -1.71 24.29
C ASP B 27 -26.87 -0.54 25.28
N SER B 28 -27.99 0.19 25.33
CA SER B 28 -28.09 1.41 26.13
CA SER B 28 -28.10 1.41 26.13
C SER B 28 -27.72 1.14 27.58
N GLY B 29 -27.99 -0.10 28.05
CA GLY B 29 -27.65 -0.53 29.38
C GLY B 29 -26.17 -0.45 29.63
N GLY B 30 -25.40 -1.07 28.72
CA GLY B 30 -23.94 -1.11 28.81
C GLY B 30 -23.31 0.26 28.64
N VAL B 31 -23.98 1.13 27.89
CA VAL B 31 -23.57 2.51 27.68
C VAL B 31 -23.63 3.26 29.01
N ARG B 32 -24.76 3.13 29.72
CA ARG B 32 -24.93 3.72 31.06
C ARG B 32 -23.82 3.18 31.97
N ARG B 33 -23.56 1.86 31.89
CA ARG B 33 -22.64 1.19 32.84
C ARG B 33 -21.20 1.71 32.68
N VAL B 34 -20.74 1.86 31.44
CA VAL B 34 -19.39 2.33 31.18
C VAL B 34 -19.33 3.82 31.55
N ALA B 35 -20.43 4.57 31.34
CA ALA B 35 -20.43 5.99 31.71
C ALA B 35 -20.23 6.13 33.23
N GLU B 36 -20.78 5.18 33.99
CA GLU B 36 -20.75 5.23 35.44
C GLU B 36 -19.37 4.79 35.94
N LEU B 37 -18.73 3.88 35.20
CA LEU B 37 -17.36 3.46 35.47
C LEU B 37 -16.41 4.65 35.31
N LEU B 38 -16.64 5.44 34.26
CA LEU B 38 -15.76 6.54 33.90
C LEU B 38 -15.92 7.71 34.88
N LEU B 39 -17.12 7.88 35.43
CA LEU B 39 -17.42 9.04 36.26
C LEU B 39 -16.60 8.98 37.54
N ALA B 40 -16.51 7.78 38.13
CA ALA B 40 -15.76 7.48 39.35
C ALA B 40 -14.25 7.72 39.18
N LYS B 41 -13.76 7.61 37.93
CA LYS B 41 -12.35 7.82 37.58
C LYS B 41 -12.09 9.22 36.99
N ALA B 42 -13.11 10.10 36.97
CA ALA B 42 -13.06 11.35 36.20
C ALA B 42 -12.03 12.34 36.77
N ALA B 43 -11.76 12.30 38.08
CA ALA B 43 -10.85 13.27 38.74
C ALA B 43 -9.39 12.92 38.45
N GLY B 44 -9.11 11.62 38.26
CA GLY B 44 -7.74 11.09 38.18
C GLY B 44 -7.09 11.36 36.84
N PRO B 45 -5.76 11.16 36.72
CA PRO B 45 -5.02 11.46 35.49
C PRO B 45 -5.36 10.54 34.29
N GLU B 46 -6.15 9.50 34.54
CA GLU B 46 -6.54 8.53 33.53
C GLU B 46 -7.57 9.14 32.56
N LEU B 47 -8.23 10.24 32.95
CA LEU B 47 -9.19 10.98 32.06
C LEU B 47 -8.82 12.47 31.98
N ARG B 48 -7.51 12.72 31.85
CA ARG B 48 -6.94 14.04 31.59
C ARG B 48 -5.81 13.89 30.56
N VAL B 49 -5.56 14.98 29.84
CA VAL B 49 -4.53 15.05 28.80
C VAL B 49 -3.14 14.76 29.39
N GLU B 50 -2.92 15.15 30.65
CA GLU B 50 -1.63 14.96 31.38
C GLU B 50 -1.31 13.46 31.51
N GLY B 51 -2.34 12.63 31.61
CA GLY B 51 -2.21 11.18 31.76
C GLY B 51 -1.48 10.52 30.60
N TRP B 52 -1.61 11.09 29.40
CA TRP B 52 -0.94 10.58 28.20
C TRP B 52 0.58 10.50 28.44
N LYS B 53 1.15 11.57 28.99
CA LYS B 53 2.56 11.52 29.35
C LYS B 53 2.72 10.70 30.63
N ALA B 54 1.84 10.94 31.62
CA ALA B 54 2.08 10.64 33.03
C ALA B 54 1.94 9.14 33.37
N LEU B 55 1.08 8.42 32.63
CA LEU B 55 0.77 7.01 32.92
C LEU B 55 1.53 6.07 31.97
N HIS B 56 2.26 6.65 31.01
CA HIS B 56 2.96 5.91 29.97
C HIS B 56 4.38 6.43 29.85
N GLU B 57 5.33 5.65 30.40
CA GLU B 57 6.73 6.04 30.56
C GLU B 57 7.48 6.06 29.23
N LEU B 58 6.97 5.38 28.18
CA LEU B 58 7.66 5.36 26.87
C LEU B 58 7.35 6.62 26.06
N ASN B 59 6.23 7.31 26.41
CA ASN B 59 5.76 8.47 25.65
C ASN B 59 6.74 9.61 25.89
N PRO B 60 6.99 10.53 24.93
CA PRO B 60 7.94 11.61 25.14
C PRO B 60 7.52 12.56 26.28
N ARG B 61 8.49 12.99 27.07
CA ARG B 61 8.30 13.99 28.12
C ARG B 61 8.16 15.39 27.51
N ALA B 62 9.01 15.70 26.53
CA ALA B 62 9.12 17.05 25.92
C ALA B 62 7.87 17.40 25.10
N ALA B 63 7.61 18.70 24.98
CA ALA B 63 6.62 19.25 24.07
C ALA B 63 7.31 20.08 22.98
N ASP B 64 8.31 19.49 22.31
CA ASP B 64 9.10 20.21 21.30
C ASP B 64 8.91 19.54 19.92
N GLU B 65 9.67 19.99 18.93
CA GLU B 65 9.57 19.48 17.56
C GLU B 65 9.85 17.96 17.55
N ALA B 66 10.81 17.53 18.36
CA ALA B 66 11.25 16.13 18.37
C ALA B 66 10.12 15.21 18.86
N ALA B 67 9.41 15.65 19.89
CA ALA B 67 8.30 14.92 20.47
C ALA B 67 7.16 14.75 19.46
N VAL B 68 6.92 15.78 18.66
CA VAL B 68 5.82 15.82 17.69
C VAL B 68 6.13 14.86 16.53
N ASN B 69 7.41 14.77 16.15
CA ASN B 69 7.87 13.93 15.04
C ASN B 69 7.91 12.48 15.53
N TRP B 70 8.16 12.29 16.84
CA TRP B 70 8.08 10.98 17.47
C TRP B 70 6.65 10.44 17.35
N VAL B 71 5.68 11.28 17.69
CA VAL B 71 4.27 10.94 17.65
C VAL B 71 3.86 10.57 16.23
N PHE B 72 4.33 11.36 15.26
CA PHE B 72 4.05 11.16 13.87
C PHE B 72 4.53 9.77 13.43
N VAL B 73 5.74 9.39 13.84
CA VAL B 73 6.30 8.12 13.43
C VAL B 73 5.47 6.97 14.04
N THR B 74 5.16 7.05 15.34
CA THR B 74 4.49 5.95 16.05
C THR B 74 3.06 5.75 15.53
N ASP B 75 2.35 6.82 15.22
CA ASP B 75 0.99 6.72 14.69
C ASP B 75 1.02 6.45 13.17
N THR B 76 2.13 6.74 12.52
CA THR B 76 2.31 6.34 11.15
C THR B 76 2.27 4.81 11.07
N LEU B 77 2.79 4.13 12.10
CA LEU B 77 2.94 2.67 12.10
C LEU B 77 1.98 2.01 13.09
N ASN B 78 0.98 2.77 13.56
CA ASN B 78 0.11 2.34 14.65
C ASN B 78 -1.00 1.45 14.08
N PHE B 79 -0.63 0.20 13.79
CA PHE B 79 -1.54 -0.81 13.21
C PHE B 79 -0.99 -2.23 13.45
N SER B 80 -1.93 -3.16 13.66
CA SER B 80 -1.72 -4.62 13.48
C SER B 80 -0.59 -5.16 14.38
N PHE B 81 -0.83 -5.20 15.69
CA PHE B 81 0.22 -5.62 16.65
C PHE B 81 -0.09 -7.02 17.22
N TRP B 82 -1.30 -7.52 17.04
CA TRP B 82 -1.70 -8.79 17.62
C TRP B 82 -0.91 -9.92 16.98
N SER B 83 -0.62 -10.94 17.80
CA SER B 83 0.15 -12.13 17.43
C SER B 83 -0.80 -13.27 17.01
N GLU B 84 -0.34 -14.12 16.08
CA GLU B 84 -1.03 -15.37 15.70
C GLU B 84 -1.12 -16.30 16.91
N GLN B 85 -0.02 -16.33 17.68
CA GLN B 85 0.23 -17.32 18.72
C GLN B 85 -0.30 -16.78 20.06
N ASP B 86 -0.79 -17.67 20.93
CA ASP B 86 -1.38 -17.31 22.25
C ASP B 86 -0.23 -16.92 23.18
N GLU B 87 0.60 -17.90 23.53
CA GLU B 87 1.81 -17.66 24.32
C GLU B 87 2.64 -16.56 23.66
N HIS B 88 3.04 -16.82 22.41
CA HIS B 88 4.23 -16.22 21.81
C HIS B 88 3.88 -14.97 20.98
N LYS B 89 4.49 -13.84 21.37
CA LYS B 89 4.27 -12.51 20.80
C LYS B 89 5.63 -11.84 20.62
N CYS B 90 5.66 -10.74 19.85
CA CYS B 90 6.81 -9.87 19.67
C CYS B 90 7.04 -9.07 20.95
N VAL B 91 8.26 -9.14 21.49
CA VAL B 91 8.61 -8.44 22.71
C VAL B 91 9.87 -7.63 22.42
N VAL B 92 9.84 -6.36 22.81
CA VAL B 92 10.97 -5.48 22.70
C VAL B 92 11.33 -4.99 24.10
N ARG B 93 12.65 -4.92 24.36
CA ARG B 93 13.22 -4.54 25.64
C ARG B 93 13.84 -3.16 25.51
N TYR B 94 13.47 -2.26 26.42
CA TYR B 94 14.03 -0.92 26.43
C TYR B 94 14.29 -0.50 27.87
N ARG B 95 15.55 -0.15 28.18
CA ARG B 95 15.98 0.22 29.53
C ARG B 95 15.55 -0.86 30.54
N GLY B 96 15.91 -2.10 30.25
CA GLY B 96 15.67 -3.25 31.15
C GLY B 96 14.20 -3.46 31.51
N LYS B 97 13.29 -2.94 30.67
CA LYS B 97 11.87 -3.27 30.75
C LYS B 97 11.46 -3.91 29.42
N THR B 98 10.28 -4.52 29.41
N THR B 98 10.29 -4.57 29.41
CA THR B 98 9.80 -5.37 28.31
CA THR B 98 9.82 -5.36 28.28
C THR B 98 8.37 -4.99 27.95
C THR B 98 8.39 -4.97 27.94
N TYR B 99 8.09 -4.96 26.64
CA TYR B 99 6.84 -4.42 26.12
C TYR B 99 6.43 -5.23 24.89
N SER B 100 5.12 -5.39 24.75
CA SER B 100 4.50 -6.08 23.64
C SER B 100 3.43 -5.17 23.01
N GLY B 101 2.92 -5.60 21.86
CA GLY B 101 1.89 -4.88 21.12
C GLY B 101 2.38 -3.52 20.67
N TYR B 102 1.48 -2.53 20.69
CA TYR B 102 1.79 -1.15 20.35
C TYR B 102 2.98 -0.62 21.16
N TRP B 103 3.09 -1.02 22.44
CA TRP B 103 4.17 -0.46 23.26
C TRP B 103 5.55 -0.96 22.81
N SER B 104 5.61 -2.17 22.20
CA SER B 104 6.86 -2.71 21.68
C SER B 104 7.40 -1.83 20.54
N LEU B 105 6.51 -1.25 19.71
CA LEU B 105 6.92 -0.28 18.69
C LEU B 105 7.54 0.94 19.37
N CYS B 106 6.83 1.56 20.32
CA CYS B 106 7.30 2.81 20.95
C CYS B 106 8.67 2.60 21.63
N ALA B 107 8.83 1.42 22.24
CA ALA B 107 10.09 1.01 22.87
C ALA B 107 11.19 0.82 21.82
N ALA B 108 10.82 0.27 20.65
CA ALA B 108 11.80 0.02 19.57
C ALA B 108 12.31 1.35 18.98
N VAL B 109 11.40 2.31 18.79
CA VAL B 109 11.73 3.67 18.38
C VAL B 109 12.72 4.27 19.38
N ASN B 110 12.38 4.17 20.68
CA ASN B 110 13.20 4.74 21.76
C ASN B 110 14.58 4.11 21.77
N ARG B 111 14.63 2.78 21.59
CA ARG B 111 15.86 2.03 21.60
C ARG B 111 16.77 2.53 20.48
N ALA B 112 16.19 2.75 19.29
CA ALA B 112 16.90 3.29 18.11
C ALA B 112 17.43 4.70 18.38
N LEU B 113 16.54 5.61 18.80
CA LEU B 113 16.92 7.00 19.18
C LEU B 113 18.08 6.98 20.20
N ASP B 114 18.01 6.08 21.18
CA ASP B 114 19.04 6.00 22.24
C ASP B 114 20.37 5.52 21.64
N GLU B 115 20.33 4.68 20.60
CA GLU B 115 21.53 4.19 19.93
C GLU B 115 22.11 5.25 18.99
N GLY B 116 21.33 6.32 18.73
CA GLY B 116 21.74 7.43 17.88
C GLY B 116 21.18 7.37 16.47
N ILE B 117 20.33 6.37 16.19
CA ILE B 117 19.67 6.23 14.86
C ILE B 117 18.50 7.21 14.82
N PRO B 118 18.46 8.16 13.85
CA PRO B 118 17.38 9.15 13.80
C PRO B 118 16.09 8.62 13.16
N ILE B 119 15.49 7.63 13.81
CA ILE B 119 14.31 6.95 13.28
C ILE B 119 13.06 7.88 13.26
N THR B 120 13.07 9.03 13.96
CA THR B 120 11.95 9.99 13.90
C THR B 120 12.24 11.19 12.98
N SER B 121 13.30 11.13 12.18
CA SER B 121 13.59 12.17 11.21
C SER B 121 13.31 11.65 9.79
N ALA B 122 12.52 12.40 9.02
CA ALA B 122 12.16 12.04 7.62
C ALA B 122 13.42 11.87 6.77
N SER B 123 14.45 12.68 7.05
CA SER B 123 15.72 12.64 6.34
C SER B 123 16.26 11.20 6.29
N TYR B 124 15.98 10.41 7.34
CA TYR B 124 16.41 9.02 7.49
C TYR B 124 15.32 8.00 7.09
N TYR B 125 14.08 8.17 7.57
CA TYR B 125 13.13 7.06 7.38
C TYR B 125 12.53 7.10 5.97
N ALA B 126 12.81 8.17 5.23
CA ALA B 126 12.37 8.27 3.86
C ALA B 126 13.05 7.19 3.03
N THR B 127 14.33 6.89 3.34
CA THR B 127 15.08 5.92 2.54
C THR B 127 15.59 4.75 3.40
N VAL B 128 15.10 4.59 4.63
CA VAL B 128 15.52 3.46 5.48
C VAL B 128 15.14 2.12 4.82
N THR B 129 16.07 1.16 4.78
CA THR B 129 15.86 -0.14 4.08
C THR B 129 15.06 -1.11 4.96
N LEU B 130 14.48 -2.14 4.32
CA LEU B 130 13.70 -3.17 5.00
C LEU B 130 14.57 -3.87 6.05
N ASP B 131 15.80 -4.21 5.68
CA ASP B 131 16.77 -4.84 6.58
CA ASP B 131 16.77 -4.82 6.58
C ASP B 131 16.98 -3.94 7.82
N GLN B 132 17.03 -2.62 7.61
CA GLN B 132 17.25 -1.70 8.70
C GLN B 132 16.01 -1.68 9.62
N VAL B 133 14.85 -1.57 8.99
CA VAL B 133 13.62 -1.55 9.74
C VAL B 133 13.54 -2.83 10.59
N ARG B 134 13.84 -3.98 9.97
CA ARG B 134 13.78 -5.30 10.62
CA ARG B 134 13.76 -5.30 10.61
C ARG B 134 14.59 -5.29 11.91
N ASN B 135 15.81 -4.75 11.82
CA ASN B 135 16.76 -4.68 12.92
C ASN B 135 16.22 -3.74 14.01
N ILE B 136 15.76 -2.55 13.62
CA ILE B 136 15.22 -1.55 14.55
C ILE B 136 14.05 -2.15 15.34
N LEU B 137 13.24 -2.97 14.66
CA LEU B 137 12.06 -3.61 15.25
C LEU B 137 12.38 -4.95 15.92
N ARG B 138 13.66 -5.34 16.00
CA ARG B 138 14.01 -6.73 16.37
C ARG B 138 13.33 -7.09 17.69
N SER B 139 12.74 -8.30 17.70
CA SER B 139 12.08 -8.89 18.87
C SER B 139 13.11 -9.61 19.75
N ASP B 140 12.78 -9.79 21.03
CA ASP B 140 13.61 -10.59 21.96
C ASP B 140 13.16 -12.07 21.97
N THR B 141 11.92 -12.33 21.52
CA THR B 141 11.35 -13.68 21.29
C THR B 141 11.56 -14.08 19.82
N ASP B 142 11.20 -15.33 19.48
N ASP B 142 11.19 -15.33 19.50
CA ASP B 142 11.31 -15.85 18.11
CA ASP B 142 11.26 -15.91 18.13
C ASP B 142 10.06 -15.51 17.29
C ASP B 142 10.28 -15.20 17.18
N VAL B 143 9.30 -14.50 17.76
CA VAL B 143 8.18 -13.96 17.00
C VAL B 143 8.47 -12.50 16.65
N SER B 144 8.24 -12.18 15.37
CA SER B 144 8.47 -10.87 14.86
C SER B 144 7.19 -10.07 14.99
N MET B 145 7.37 -8.75 15.02
CA MET B 145 6.29 -7.83 14.90
C MET B 145 5.65 -8.08 13.54
N PRO B 146 4.30 -8.16 13.43
CA PRO B 146 3.64 -8.39 12.16
C PRO B 146 3.79 -7.21 11.18
N LEU B 147 3.84 -7.52 9.88
CA LEU B 147 3.75 -6.58 8.76
C LEU B 147 4.95 -5.64 8.71
N VAL B 148 6.17 -6.16 8.93
CA VAL B 148 7.36 -5.30 8.93
C VAL B 148 7.63 -4.75 7.51
N GLU B 149 7.27 -5.51 6.46
CA GLU B 149 7.42 -5.07 5.04
C GLU B 149 6.55 -3.83 4.78
N GLU B 150 5.32 -3.81 5.31
CA GLU B 150 4.34 -2.72 5.15
C GLU B 150 4.78 -1.50 5.98
N ARG B 151 5.30 -1.76 7.18
CA ARG B 151 5.86 -0.71 8.02
C ARG B 151 6.98 0.01 7.23
N HIS B 152 7.89 -0.77 6.63
CA HIS B 152 9.02 -0.24 5.81
C HIS B 152 8.47 0.69 4.72
N ARG B 153 7.55 0.15 3.90
CA ARG B 153 7.01 0.82 2.73
C ARG B 153 6.41 2.16 3.15
N ILE B 154 5.58 2.13 4.20
CA ILE B 154 4.88 3.30 4.70
C ILE B 154 5.87 4.31 5.27
N LEU B 155 6.88 3.84 6.01
CA LEU B 155 7.93 4.75 6.47
C LEU B 155 8.50 5.52 5.27
N ASN B 156 8.89 4.81 4.21
CA ASN B 156 9.58 5.44 3.05
C ASN B 156 8.64 6.46 2.38
N GLU B 157 7.40 6.06 2.13
CA GLU B 157 6.42 6.87 1.46
C GLU B 157 6.19 8.14 2.29
N THR B 158 6.07 7.96 3.61
CA THR B 158 5.72 9.06 4.50
C THR B 158 6.88 10.05 4.63
N GLY B 159 8.12 9.54 4.70
CA GLY B 159 9.30 10.37 4.81
C GLY B 159 9.44 11.29 3.61
N LYS B 160 9.32 10.71 2.41
CA LYS B 160 9.41 11.44 1.14
C LYS B 160 8.48 12.65 1.16
N ILE B 161 7.21 12.41 1.53
CA ILE B 161 6.19 13.43 1.42
C ILE B 161 6.46 14.55 2.45
N LEU B 162 6.82 14.17 3.67
N LEU B 162 6.85 14.18 3.67
CA LEU B 162 7.18 15.11 4.73
CA LEU B 162 7.15 15.17 4.70
C LEU B 162 8.32 16.02 4.23
C LEU B 162 8.35 16.02 4.28
N LEU B 163 9.32 15.42 3.56
CA LEU B 163 10.51 16.13 3.06
C LEU B 163 10.14 17.06 1.90
N GLU B 164 9.32 16.58 0.96
CA GLU B 164 8.94 17.33 -0.26
C GLU B 164 7.99 18.47 0.11
N LYS B 165 6.89 18.13 0.81
CA LYS B 165 5.80 19.06 1.05
C LYS B 165 5.94 19.87 2.36
N PHE B 166 6.69 19.37 3.36
CA PHE B 166 6.52 19.90 4.74
C PHE B 166 7.86 20.18 5.42
N GLY B 167 8.90 20.49 4.65
CA GLY B 167 10.26 20.78 5.15
C GLY B 167 10.79 19.73 6.11
N GLY B 168 10.23 18.52 6.06
CA GLY B 168 10.79 17.36 6.77
C GLY B 168 10.41 17.27 8.24
N SER B 169 9.35 17.97 8.67
CA SER B 169 8.88 17.94 10.05
C SER B 169 7.35 17.97 10.06
N PHE B 170 6.76 17.06 10.82
CA PHE B 170 5.33 17.07 11.02
C PHE B 170 4.88 18.33 11.79
N LEU B 171 5.81 19.04 12.46
CA LEU B 171 5.44 20.26 13.19
C LEU B 171 4.93 21.35 12.23
N ASN B 172 5.38 21.33 10.97
CA ASN B 172 4.88 22.25 9.94
C ASN B 172 3.44 21.90 9.54
N CYS B 173 3.12 20.61 9.49
CA CYS B 173 1.77 20.16 9.21
CA CYS B 173 1.75 20.15 9.21
C CYS B 173 0.83 20.69 10.30
N VAL B 174 1.22 20.50 11.56
CA VAL B 174 0.48 20.97 12.76
C VAL B 174 0.24 22.48 12.66
N ARG B 175 1.23 23.25 12.20
CA ARG B 175 1.14 24.72 12.20
C ARG B 175 0.17 25.21 11.11
N GLU B 176 0.17 24.54 9.96
CA GLU B 176 -0.74 24.82 8.85
C GLU B 176 -2.20 24.53 9.20
N SER B 177 -2.43 23.76 10.27
CA SER B 177 -3.75 23.34 10.69
C SER B 177 -4.44 24.43 11.51
N GLU B 178 -3.64 25.36 12.06
CA GLU B 178 -4.14 26.60 12.66
C GLU B 178 -5.10 26.28 13.80
N ASN B 179 -4.64 25.47 14.75
CA ASN B 179 -5.38 25.18 15.97
C ASN B 179 -6.73 24.51 15.66
N SER B 180 -6.80 23.78 14.54
CA SER B 180 -7.99 22.99 14.19
C SER B 180 -7.65 21.50 14.09
N ALA B 181 -8.26 20.69 14.96
CA ALA B 181 -8.15 19.23 14.93
C ALA B 181 -8.66 18.67 13.60
N GLN B 182 -9.83 19.15 13.16
CA GLN B 182 -10.44 18.72 11.91
C GLN B 182 -9.50 19.05 10.73
N LYS B 183 -8.97 20.27 10.71
CA LYS B 183 -8.12 20.67 9.61
C LYS B 183 -6.88 19.77 9.58
N LEU B 184 -6.27 19.56 10.75
CA LEU B 184 -5.09 18.69 10.81
C LEU B 184 -5.44 17.29 10.27
N MET B 185 -6.57 16.74 10.75
CA MET B 185 -7.08 15.44 10.31
C MET B 185 -7.18 15.41 8.78
N HIS B 186 -7.81 16.43 8.17
CA HIS B 186 -7.98 16.51 6.70
C HIS B 186 -6.61 16.68 6.02
N LEU B 187 -5.72 17.50 6.60
CA LEU B 187 -4.38 17.66 6.00
C LEU B 187 -3.67 16.30 5.93
N VAL B 188 -3.74 15.52 7.02
CA VAL B 188 -3.00 14.24 7.13
C VAL B 188 -3.51 13.25 6.08
N VAL B 189 -4.83 13.16 5.94
CA VAL B 189 -5.48 12.21 5.06
C VAL B 189 -5.23 12.58 3.59
N GLU B 190 -5.35 13.87 3.25
N GLU B 190 -5.35 13.88 3.28
CA GLU B 190 -5.12 14.33 1.88
CA GLU B 190 -5.13 14.41 1.94
C GLU B 190 -3.65 14.11 1.49
C GLU B 190 -3.67 14.17 1.51
N SER B 191 -2.73 14.31 2.46
CA SER B 191 -1.28 14.35 2.16
C SER B 191 -0.62 12.97 2.22
N PHE B 192 -1.07 12.12 3.15
CA PHE B 192 -0.41 10.86 3.44
C PHE B 192 -1.35 9.71 3.07
N PRO B 193 -1.09 9.02 1.93
CA PRO B 193 -1.97 7.95 1.44
C PRO B 193 -2.24 6.80 2.42
N SER B 194 -1.27 6.49 3.28
CA SER B 194 -1.41 5.37 4.24
C SER B 194 -2.45 5.70 5.33
N TYR B 195 -2.87 6.97 5.41
CA TYR B 195 -3.82 7.41 6.41
C TYR B 195 -5.25 7.40 5.85
N ARG B 196 -5.42 7.08 4.56
CA ARG B 196 -6.74 7.09 3.90
C ARG B 196 -7.54 5.85 4.32
N ASP B 197 -8.07 5.91 5.56
CA ASP B 197 -8.82 4.85 6.19
C ASP B 197 -10.30 5.02 5.83
N VAL B 198 -10.64 4.61 4.60
CA VAL B 198 -11.96 4.81 3.94
C VAL B 198 -12.34 3.51 3.24
N THR B 199 -13.61 3.14 3.34
CA THR B 199 -14.12 1.93 2.68
C THR B 199 -15.58 2.17 2.32
N LEU B 200 -16.24 1.14 1.78
CA LEU B 200 -17.57 1.24 1.21
C LEU B 200 -18.59 0.56 2.12
N PHE B 201 -19.79 1.17 2.19
CA PHE B 201 -20.88 0.64 2.97
C PHE B 201 -22.21 1.19 2.45
N GLU B 202 -23.09 0.26 2.04
CA GLU B 202 -24.40 0.48 1.44
C GLU B 202 -24.39 1.73 0.55
N GLY B 203 -23.38 1.83 -0.33
CA GLY B 203 -23.33 2.82 -1.38
C GLY B 203 -22.92 4.19 -0.87
N LYS B 204 -22.24 4.23 0.28
CA LYS B 204 -21.58 5.42 0.78
C LYS B 204 -20.10 5.10 1.04
N ARG B 205 -19.22 6.05 0.71
CA ARG B 205 -17.81 6.04 1.08
C ARG B 205 -17.69 6.53 2.54
N VAL B 206 -17.54 5.57 3.46
CA VAL B 206 -17.50 5.82 4.88
C VAL B 206 -16.03 5.90 5.32
N SER B 207 -15.75 6.74 6.32
CA SER B 207 -14.40 7.00 6.82
C SER B 207 -14.32 6.72 8.32
N PHE B 208 -13.18 6.19 8.78
CA PHE B 208 -12.88 6.01 10.24
C PHE B 208 -11.70 6.88 10.66
N TYR B 209 -10.67 6.91 9.80
CA TYR B 209 -9.49 7.68 10.05
C TYR B 209 -8.99 7.36 11.46
N LYS B 210 -8.71 6.08 11.70
CA LYS B 210 -8.26 5.61 12.99
C LYS B 210 -6.89 6.25 13.32
N ARG B 211 -5.92 6.03 12.42
CA ARG B 211 -4.56 6.49 12.64
C ARG B 211 -4.52 8.03 12.57
N ALA B 212 -5.21 8.60 11.59
CA ALA B 212 -5.22 10.05 11.38
C ALA B 212 -5.75 10.77 12.64
N GLN B 213 -6.81 10.22 13.24
CA GLN B 213 -7.49 10.84 14.37
C GLN B 213 -6.63 10.66 15.64
N ILE B 214 -6.02 9.49 15.81
CA ILE B 214 -5.14 9.25 16.95
C ILE B 214 -3.87 10.10 16.79
N LEU B 215 -3.43 10.33 15.55
CA LEU B 215 -2.31 11.24 15.30
C LEU B 215 -2.63 12.65 15.83
N VAL B 216 -3.85 13.14 15.57
CA VAL B 216 -4.24 14.49 16.02
C VAL B 216 -4.32 14.48 17.56
N ALA B 217 -4.94 13.45 18.13
CA ALA B 217 -5.14 13.38 19.56
C ALA B 217 -3.78 13.30 20.27
N ASP B 218 -2.86 12.51 19.71
CA ASP B 218 -1.52 12.31 20.27
C ASP B 218 -0.69 13.59 20.13
N THR B 219 -0.99 14.41 19.11
CA THR B 219 -0.38 15.74 18.93
C THR B 219 -0.88 16.69 20.03
N TRP B 220 -2.20 16.71 20.23
CA TRP B 220 -2.85 17.44 21.30
C TRP B 220 -2.19 17.06 22.64
N SER B 221 -2.05 15.75 22.87
CA SER B 221 -1.52 15.18 24.11
C SER B 221 -0.04 15.56 24.33
N VAL B 222 0.81 15.37 23.32
CA VAL B 222 2.25 15.52 23.52
C VAL B 222 2.60 17.01 23.73
N LEU B 223 1.76 17.91 23.20
CA LEU B 223 1.92 19.35 23.36
C LEU B 223 1.00 19.85 24.49
N GLU B 224 0.43 18.90 25.24
CA GLU B 224 -0.31 19.15 26.49
C GLU B 224 -1.48 20.12 26.25
N GLY B 225 -2.06 20.07 25.04
CA GLY B 225 -3.22 20.88 24.66
C GLY B 225 -2.92 22.35 24.45
N LYS B 226 -1.63 22.71 24.38
CA LYS B 226 -1.17 24.09 24.37
C LYS B 226 -0.35 24.37 23.10
N GLY B 227 -0.15 25.66 22.83
CA GLY B 227 0.64 26.11 21.71
C GLY B 227 0.09 25.58 20.40
N ASP B 228 0.99 25.08 19.55
CA ASP B 228 0.65 24.51 18.28
C ASP B 228 -0.34 23.35 18.47
N GLY B 229 -0.33 22.76 19.68
CA GLY B 229 -1.23 21.65 20.04
C GLY B 229 -2.53 22.08 20.70
N CYS B 230 -2.83 23.38 20.70
CA CYS B 230 -4.13 23.89 21.18
C CYS B 230 -5.15 23.77 20.04
N PHE B 231 -6.14 22.88 20.20
CA PHE B 231 -7.20 22.68 19.21
C PHE B 231 -8.54 23.13 19.80
N LYS B 232 -9.14 24.14 19.17
CA LYS B 232 -10.38 24.74 19.65
C LYS B 232 -11.52 23.72 19.49
N ASP B 233 -11.38 22.84 18.48
CA ASP B 233 -12.39 21.85 18.09
C ASP B 233 -11.95 20.43 18.50
N ILE B 234 -11.23 20.30 19.61
CA ILE B 234 -10.64 19.00 19.96
C ILE B 234 -11.74 17.98 20.26
N SER B 235 -12.87 18.45 20.82
CA SER B 235 -14.05 17.62 21.13
CA SER B 235 -13.99 17.57 21.14
C SER B 235 -14.51 16.87 19.88
N SER B 236 -14.27 17.45 18.70
CA SER B 236 -14.84 16.96 17.43
C SER B 236 -14.21 15.62 17.03
N ILE B 237 -13.04 15.31 17.58
CA ILE B 237 -12.34 14.06 17.27
C ILE B 237 -13.09 12.92 17.96
N THR B 238 -13.16 11.78 17.28
CA THR B 238 -13.86 10.59 17.77
C THR B 238 -12.84 9.56 18.29
N MET B 239 -13.36 8.46 18.84
CA MET B 239 -12.57 7.32 19.24
C MET B 239 -11.85 6.77 18.00
N PHE B 240 -10.78 5.99 18.24
CA PHE B 240 -9.92 5.45 17.19
C PHE B 240 -10.31 3.99 17.00
N ALA B 241 -11.02 3.73 15.89
CA ALA B 241 -11.71 2.47 15.68
C ALA B 241 -10.70 1.36 15.34
N ASP B 242 -10.28 0.60 16.34
CA ASP B 242 -9.34 -0.50 16.14
C ASP B 242 -10.04 -1.82 16.53
N TYR B 243 -9.26 -2.81 16.98
CA TYR B 243 -9.78 -4.14 17.37
C TYR B 243 -9.87 -4.29 18.90
N ARG B 244 -8.95 -3.67 19.65
CA ARG B 244 -8.98 -3.68 21.13
C ARG B 244 -10.22 -2.95 21.68
N LEU B 245 -10.54 -1.76 21.17
CA LEU B 245 -11.57 -0.92 21.77
C LEU B 245 -12.96 -1.55 21.62
N PRO B 246 -13.35 -2.13 20.47
CA PRO B 246 -14.61 -2.90 20.40
C PRO B 246 -14.62 -4.10 21.37
N GLN B 247 -13.50 -4.82 21.43
CA GLN B 247 -13.33 -5.94 22.36
C GLN B 247 -13.71 -5.50 23.77
N VAL B 248 -13.15 -4.38 24.22
CA VAL B 248 -13.29 -3.98 25.61
C VAL B 248 -14.71 -3.45 25.86
N LEU B 249 -15.39 -2.99 24.80
CA LEU B 249 -16.77 -2.49 24.91
C LEU B 249 -17.75 -3.67 24.96
N ALA B 250 -17.42 -4.71 24.21
CA ALA B 250 -18.17 -5.93 24.21
C ALA B 250 -18.03 -6.60 25.59
N HIS B 251 -16.84 -6.49 26.18
CA HIS B 251 -16.60 -7.00 27.52
C HIS B 251 -17.47 -6.27 28.55
N LEU B 252 -17.50 -4.93 28.51
CA LEU B 252 -18.22 -4.17 29.52
C LEU B 252 -19.74 -4.18 29.24
N GLY B 253 -20.14 -4.68 28.07
CA GLY B 253 -21.54 -4.89 27.74
C GLY B 253 -22.17 -3.75 26.94
N ALA B 254 -21.43 -2.69 26.62
CA ALA B 254 -21.99 -1.59 25.82
C ALA B 254 -22.19 -2.03 24.36
N LEU B 255 -21.55 -3.13 23.96
CA LEU B 255 -21.58 -3.66 22.61
C LEU B 255 -21.97 -5.14 22.65
N LYS B 256 -22.78 -5.57 21.68
N LYS B 256 -22.81 -5.57 21.70
CA LYS B 256 -23.26 -6.94 21.58
CA LYS B 256 -23.27 -6.95 21.59
C LYS B 256 -23.15 -7.43 20.13
C LYS B 256 -23.13 -7.42 20.13
N TYR B 257 -22.64 -8.66 19.97
CA TYR B 257 -22.52 -9.31 18.68
C TYR B 257 -23.62 -10.36 18.56
N SER B 258 -24.14 -10.55 17.34
CA SER B 258 -24.93 -11.75 17.01
C SER B 258 -24.11 -13.01 17.35
N ASP B 259 -24.80 -14.14 17.55
CA ASP B 259 -24.15 -15.44 17.78
C ASP B 259 -23.29 -15.81 16.57
N ASP B 260 -23.74 -15.41 15.37
CA ASP B 260 -23.03 -15.64 14.11
C ASP B 260 -21.66 -14.97 14.13
N LEU B 261 -21.64 -13.72 14.60
CA LEU B 261 -20.42 -12.97 14.67
C LEU B 261 -19.54 -13.55 15.78
N LEU B 262 -20.13 -13.86 16.93
CA LEU B 262 -19.35 -14.31 18.09
C LEU B 262 -18.65 -15.65 17.81
N LYS B 263 -19.27 -16.51 17.00
CA LYS B 263 -18.71 -17.87 16.73
C LYS B 263 -17.53 -17.72 15.77
N LYS B 264 -17.66 -16.78 14.81
CA LYS B 264 -16.59 -16.41 13.90
C LYS B 264 -15.40 -15.89 14.72
N LEU B 265 -15.67 -14.91 15.59
CA LEU B 265 -14.73 -14.36 16.56
C LEU B 265 -14.06 -15.49 17.34
N LEU B 266 -14.86 -16.31 18.03
CA LEU B 266 -14.37 -17.43 18.86
C LEU B 266 -13.53 -18.41 18.03
N LYS B 267 -13.87 -18.59 16.74
CA LYS B 267 -13.14 -19.54 15.88
C LYS B 267 -11.81 -18.95 15.41
N GLY B 268 -11.61 -17.65 15.66
CA GLY B 268 -10.44 -16.92 15.21
C GLY B 268 -10.38 -16.82 13.69
N GLU B 269 -11.53 -16.68 13.01
CA GLU B 269 -11.50 -16.47 11.54
C GLU B 269 -11.15 -15.01 11.24
N MET B 270 -10.33 -14.81 10.21
CA MET B 270 -9.86 -13.51 9.77
CA MET B 270 -9.89 -13.48 9.83
C MET B 270 -11.00 -12.77 9.06
N LEU B 271 -11.18 -11.48 9.39
CA LEU B 271 -12.04 -10.58 8.68
C LEU B 271 -11.16 -9.79 7.72
N SER B 272 -11.72 -9.43 6.57
CA SER B 272 -11.07 -8.56 5.61
C SER B 272 -11.52 -7.12 5.87
N TYR B 273 -10.62 -6.17 5.61
CA TYR B 273 -10.94 -4.75 5.57
C TYR B 273 -12.12 -4.50 4.61
N GLY B 274 -13.25 -4.04 5.14
CA GLY B 274 -14.36 -3.56 4.32
C GLY B 274 -15.53 -4.51 4.34
N ASP B 275 -15.28 -5.77 4.73
CA ASP B 275 -16.32 -6.70 5.12
C ASP B 275 -17.34 -5.94 5.99
N ARG B 276 -18.62 -6.27 5.77
CA ARG B 276 -19.74 -5.65 6.42
C ARG B 276 -19.59 -5.78 7.94
N GLN B 277 -19.29 -7.01 8.40
CA GLN B 277 -19.17 -7.29 9.82
C GLN B 277 -18.01 -6.48 10.41
N GLU B 278 -16.89 -6.39 9.69
CA GLU B 278 -15.74 -5.56 10.12
C GLU B 278 -16.19 -4.11 10.26
N VAL B 279 -16.80 -3.56 9.21
CA VAL B 279 -17.32 -2.19 9.21
C VAL B 279 -18.30 -2.02 10.38
N GLU B 280 -19.18 -3.00 10.59
CA GLU B 280 -20.20 -2.92 11.64
C GLU B 280 -19.51 -2.75 13.01
N ILE B 281 -18.58 -3.66 13.34
CA ILE B 281 -17.86 -3.61 14.59
C ILE B 281 -17.22 -2.23 14.79
N ARG B 282 -16.55 -1.74 13.73
CA ARG B 282 -15.84 -0.48 13.81
C ARG B 282 -16.86 0.66 13.96
N GLY B 283 -17.77 0.79 12.99
CA GLY B 283 -18.82 1.79 13.01
C GLY B 283 -19.58 1.83 14.33
N CYS B 284 -19.95 0.64 14.85
CA CYS B 284 -20.76 0.58 16.06
C CYS B 284 -19.92 1.04 17.25
N SER B 285 -18.67 0.60 17.33
CA SER B 285 -17.79 0.95 18.44
CA SER B 285 -17.78 0.95 18.43
C SER B 285 -17.66 2.48 18.59
N LEU B 286 -17.61 3.17 17.46
CA LEU B 286 -17.34 4.61 17.38
C LEU B 286 -18.56 5.40 17.87
N TRP B 287 -19.71 5.04 17.31
CA TRP B 287 -20.98 5.58 17.72
C TRP B 287 -21.19 5.26 19.20
N CYS B 288 -20.78 4.04 19.60
CA CYS B 288 -20.91 3.61 20.96
C CYS B 288 -20.21 4.61 21.87
N VAL B 289 -18.96 4.95 21.57
CA VAL B 289 -18.23 5.87 22.44
C VAL B 289 -18.88 7.26 22.42
N GLU B 290 -19.40 7.72 21.26
CA GLU B 290 -20.15 9.00 21.24
C GLU B 290 -21.29 8.96 22.28
N LEU B 291 -21.99 7.82 22.40
CA LEU B 291 -23.12 7.72 23.33
C LEU B 291 -22.61 7.71 24.78
N ILE B 292 -21.43 7.15 25.00
CA ILE B 292 -20.91 7.07 26.36
C ILE B 292 -20.48 8.49 26.78
N ARG B 293 -19.94 9.24 25.82
CA ARG B 293 -19.55 10.62 26.07
C ARG B 293 -20.77 11.42 26.53
N ASP B 294 -21.84 11.34 25.73
CA ASP B 294 -23.06 12.07 25.98
C ASP B 294 -23.59 11.69 27.37
N CYS B 295 -23.62 10.39 27.69
CA CYS B 295 -24.15 9.85 28.96
C CYS B 295 -23.37 10.44 30.14
N LEU B 296 -22.03 10.32 30.08
CA LEU B 296 -21.11 10.77 31.13
C LEU B 296 -21.29 12.26 31.39
N LEU B 297 -21.38 13.06 30.32
CA LEU B 297 -21.53 14.52 30.43
C LEU B 297 -22.88 14.84 31.10
N GLU B 298 -23.92 14.04 30.82
CA GLU B 298 -25.25 14.21 31.47
C GLU B 298 -25.14 13.86 32.97
N LEU B 299 -24.45 12.77 33.28
CA LEU B 299 -24.24 12.37 34.66
C LEU B 299 -23.50 13.48 35.43
N ILE B 300 -22.44 14.03 34.82
CA ILE B 300 -21.61 15.02 35.51
C ILE B 300 -22.43 16.28 35.77
N GLU B 301 -23.22 16.69 34.77
CA GLU B 301 -24.03 17.92 34.85
C GLU B 301 -25.16 17.73 35.88
N GLN B 302 -25.67 16.50 36.00
CA GLN B 302 -26.71 16.20 36.99
C GLN B 302 -26.11 16.27 38.40
N LYS B 303 -25.09 15.45 38.68
CA LYS B 303 -24.34 15.51 39.97
C LYS B 303 -24.23 16.97 40.42
N GLY B 304 -24.21 17.88 39.43
CA GLY B 304 -24.34 19.32 39.63
C GLY B 304 -22.98 19.97 39.78
N GLU B 305 -22.02 19.42 39.03
CA GLU B 305 -20.60 19.52 39.34
C GLU B 305 -19.88 20.21 38.17
N LYS B 306 -18.72 20.80 38.48
CA LYS B 306 -17.89 21.51 37.50
C LYS B 306 -16.60 20.72 37.31
N PRO B 307 -16.48 19.90 36.24
CA PRO B 307 -15.29 19.06 36.03
C PRO B 307 -14.07 19.94 35.75
N ASN B 308 -12.91 19.57 36.33
CA ASN B 308 -11.68 20.36 36.25
C ASN B 308 -11.13 20.34 34.82
N GLY B 309 -11.15 19.15 34.18
CA GLY B 309 -10.84 19.00 32.77
C GLY B 309 -12.11 18.86 31.93
N GLU B 310 -12.00 19.19 30.64
CA GLU B 310 -13.09 18.88 29.71
C GLU B 310 -12.98 17.38 29.35
N ILE B 311 -14.14 16.75 29.20
CA ILE B 311 -14.27 15.36 28.85
C ILE B 311 -14.62 15.27 27.36
N ASN B 312 -14.01 14.31 26.65
CA ASN B 312 -14.22 14.11 25.22
C ASN B 312 -13.92 12.65 24.83
N SER B 313 -14.28 12.31 23.60
CA SER B 313 -14.13 10.97 23.06
C SER B 313 -12.67 10.49 23.05
N ILE B 314 -11.71 11.41 22.85
CA ILE B 314 -10.27 11.02 22.88
C ILE B 314 -9.92 10.39 24.24
N LEU B 315 -10.20 11.10 25.32
CA LEU B 315 -9.75 10.70 26.66
C LEU B 315 -10.46 9.41 27.08
N LEU B 316 -11.72 9.24 26.66
CA LEU B 316 -12.49 8.04 26.97
C LEU B 316 -11.83 6.84 26.28
N ASP B 317 -11.40 7.06 25.03
CA ASP B 317 -10.78 6.02 24.23
C ASP B 317 -9.43 5.64 24.86
N TYR B 318 -8.64 6.66 25.21
CA TYR B 318 -7.33 6.42 25.80
C TYR B 318 -7.51 5.56 27.05
N TYR B 319 -8.55 5.87 27.84
CA TYR B 319 -8.80 5.17 29.10
C TYR B 319 -9.19 3.71 28.85
N LEU B 320 -10.08 3.48 27.89
CA LEU B 320 -10.66 2.15 27.62
C LEU B 320 -9.60 1.25 26.98
N TRP B 321 -8.67 1.85 26.25
CA TRP B 321 -7.59 1.10 25.64
C TRP B 321 -6.64 0.56 26.73
N ASP B 322 -6.44 1.40 27.77
CA ASP B 322 -5.56 1.06 28.87
C ASP B 322 -6.22 -0.01 29.74
N TYR B 323 -7.52 0.16 30.01
CA TYR B 323 -8.35 -0.86 30.64
C TYR B 323 -8.15 -2.21 29.94
N ALA B 324 -8.31 -2.22 28.62
CA ALA B 324 -8.19 -3.43 27.81
C ALA B 324 -6.80 -4.09 28.02
N HIS B 325 -5.74 -3.28 27.90
CA HIS B 325 -4.33 -3.72 28.14
C HIS B 325 -4.23 -4.40 29.52
N ASP B 326 -4.77 -3.74 30.54
CA ASP B 326 -4.63 -4.12 31.95
C ASP B 326 -5.41 -5.41 32.25
N HIS B 327 -6.61 -5.55 31.67
CA HIS B 327 -7.53 -6.66 31.98
C HIS B 327 -7.65 -7.60 30.77
N ARG B 328 -6.54 -7.79 30.04
CA ARG B 328 -6.48 -8.65 28.83
C ARG B 328 -7.09 -10.02 29.17
N GLU B 329 -6.63 -10.59 30.30
CA GLU B 329 -6.92 -11.98 30.70
C GLU B 329 -8.44 -12.17 30.90
N ASP B 330 -9.07 -11.26 31.65
CA ASP B 330 -10.52 -11.29 31.93
C ASP B 330 -11.36 -11.36 30.64
N MET B 331 -10.76 -11.24 29.45
CA MET B 331 -11.51 -10.88 28.24
C MET B 331 -11.52 -11.99 27.17
N LYS B 332 -10.97 -13.17 27.45
CA LYS B 332 -10.81 -14.17 26.36
C LYS B 332 -12.16 -14.77 25.99
N GLY B 333 -13.18 -14.56 26.83
CA GLY B 333 -14.57 -14.98 26.57
C GLY B 333 -15.13 -14.40 25.29
N ILE B 334 -14.75 -13.16 24.97
CA ILE B 334 -15.10 -12.46 23.72
C ILE B 334 -13.80 -11.98 23.07
N PRO B 335 -13.29 -12.65 22.01
CA PRO B 335 -12.10 -12.19 21.28
C PRO B 335 -12.24 -10.87 20.53
N PHE B 336 -11.10 -10.22 20.30
CA PHE B 336 -11.00 -9.17 19.34
C PHE B 336 -11.10 -9.81 17.95
N HIS B 337 -11.64 -9.06 17.00
CA HIS B 337 -11.66 -9.51 15.62
C HIS B 337 -10.25 -9.40 15.05
N ARG B 338 -9.96 -10.27 14.09
CA ARG B 338 -8.62 -10.47 13.58
C ARG B 338 -8.62 -10.04 12.11
N ILE B 339 -7.75 -9.07 11.81
CA ILE B 339 -7.59 -8.47 10.52
C ILE B 339 -6.11 -8.08 10.39
N ARG B 340 -5.57 -8.28 9.19
CA ARG B 340 -4.25 -7.79 8.82
C ARG B 340 -4.44 -6.70 7.75
N CYS B 341 -4.45 -5.44 8.20
CA CYS B 341 -4.48 -4.28 7.29
C CYS B 341 -3.62 -3.16 7.87
N ILE B 342 -3.34 -2.15 7.05
CA ILE B 342 -2.41 -1.10 7.45
C ILE B 342 -3.14 0.01 8.22
N TYR B 343 -4.47 0.03 8.20
CA TYR B 343 -5.24 1.16 8.72
C TYR B 343 -5.41 1.07 10.24
N TYR B 344 -5.28 -0.15 10.77
CA TYR B 344 -5.35 -0.41 12.21
C TYR B 344 -4.95 -1.88 12.45
C1 QEI C . 7.83 -3.43 -24.58
C2 QEI C . 6.48 -3.54 -25.28
C3 QEI C . 8.64 -4.51 -25.25
C4 QEI C . 6.38 -5.01 -25.62
C5 QEI C . 7.83 -5.37 -25.85
C6 QEI C . 7.48 -2.30 -22.42
C9 QEI C . 5.44 -3.21 -20.90
C10 QEI C . 4.92 -2.69 -19.62
C11 QEI C . 4.82 -4.40 -21.49
O1 QEI C . 6.48 -2.74 -26.48
O2 QEI C . 5.52 -5.30 -26.72
N1 QEI C . 7.57 -3.55 -23.17
C7 QEI C . 6.55 -2.29 -21.23
C8 QEI C . 6.59 -1.35 -20.21
N2 QEI C . 5.63 -1.60 -19.29
N3 QEI C . 3.87 -3.34 -19.07
C12 QEI C . 3.33 -4.45 -19.67
N5 QEI C . 2.28 -5.06 -19.06
N4 QEI C . 3.80 -4.95 -20.83
O3 QEI C . 5.24 -4.90 -22.56
C1 QEI D . -1.74 5.11 24.02
C2 QEI D . -2.67 4.46 25.03
C3 QEI D . -1.64 6.52 24.54
C4 QEI D . -3.54 5.59 25.56
C5 QEI D . -2.62 6.78 25.40
C6 QEI D . -1.94 3.69 22.00
C9 QEI D . -4.43 3.25 21.04
C10 QEI D . -4.90 2.46 19.88
C11 QEI D . -5.43 3.96 21.84
O1 QEI D . -1.93 3.85 26.09
O2 QEI D . -3.98 5.32 26.89
N1 QEI D . -2.33 4.89 22.71
C7 QEI D . -2.96 3.11 21.06
C8 QEI D . -2.69 2.28 19.98
N2 QEI D . -3.82 1.92 19.31
N3 QEI D . -6.22 2.42 19.63
C12 QEI D . -7.11 3.10 20.41
N5 QEI D . -8.44 3.00 20.10
N4 QEI D . -6.72 3.84 21.48
O3 QEI D . -5.07 4.64 22.82
#